data_7TUZ
#
_entry.id   7TUZ
#
_cell.length_a   1.00
_cell.length_b   1.00
_cell.length_c   1.00
_cell.angle_alpha   90.00
_cell.angle_beta   90.00
_cell.angle_gamma   90.00
#
_symmetry.space_group_name_H-M   'P 1'
#
loop_
_entity.id
_entity.type
_entity.pdbx_description
1 polymer 'G-protein coupled receptor 183'
2 polymer 'Guanine nucleotide-binding protein G(i) subunit alpha-1'
3 polymer 'Guanine nucleotide-binding protein G(I)/G(S)/G(T) subunit beta-1'
4 polymer 'Guanine nucleotide-binding protein G(I)/G(S)/G(O) subunit gamma-2'
5 polymer scFv16
6 non-polymer (2S,4aS,4bS,7R,8S,8aS,9R,10aR)-7-[(2R,3R)-7-hydroxy-3,7-dimethyloctan-2-yl]-4a,7,8-trimethyltetradecahydrophenanthrene-2,9-diol
#
loop_
_entity_poly.entity_id
_entity_poly.type
_entity_poly.pdbx_seq_one_letter_code
_entity_poly.pdbx_strand_id
1 'polypeptide(L)'
;GVDDIQMANNFTPPSATPQGNDCDLYAHHSTARIVMPLHYSLVFIIGLVGNLLALVVIVQNRKKINSTTLYSTNLVISDI
LFTTALPTRIAYYAMGFDWRIGDALCRITALVFYINTYAGVNFMTCLSIDRFIAVVHPLRYNKIKRIEHAKGVCIFVWIL
VFAQTLPLLINPMSKQEAERITCMEYPNFEETKSLPWILLGACFIGYVLPLIIILICYSQICCKLFRTAKQNPLTEKSGV
NKKALNTIILIIVVFVLCFTPYHVAIIQHMIKKLRFSNFLECSQRHSFQISLHFTVCLMNFNCCMDPFIYFFACKGYKRK
VMRMLKRQVSVSISSAVKSAPEENSREMTETQMMIHSKSSNGKAAAHHHHHHHHGGDYKDDDDK
;
R
2 'polypeptide(L)'
;MGCTLSAEDKAAVERSKMIDRNLREDGEKAAREVKLLLLGAGESGKNTIVKQMKIIHEAGYSEEECKQYKAVVYSNTIQS
IIAIIRAMGRLKIDFGDSARADDARQLFVLAGAAEEGFMTAELAGVIKRLWKDSGVQACFNRSREYQLNDSAAYYLNDLD
RIAQPNYIPTQQDVLRTRVKTTGIVETHFTFKDLHFKMFDVGAQRSERKKWIHCFEGVTAIIFCVALSDYDLVLAEDEEM
NRMHASMKLFDSICNNKWFTDTSIILFLNKKDLFEEKIKKSPLTICYPEYAGSNTYEEAAAYIQCQFEDLNKRKDTKEIY
THFTCATDTKNVQFVFDAVTDVIIKNNLKDCGLF
;
A
3 'polypeptide(L)'
;MHHHHLEVLFQGPGSSGSELDQLRQEAEQLKNQIRDARKACADATLSQITNNIDPVGRIQMRTRRTLRGHLAKIYAMHWG
TDSRLLVSASQDGKLIIWDSYTTNKVHAIPLRSSWVMTCAYAPSGNYVACGGLDNICSIYNLKTREGNVRVSRELAGHTG
YLSCCRFLDDNQIVTSSGDTTCALWDIETGQQTTTFTGHTGDVMSLSLAPDTRLFVSGACDASAKLWDVREGMCRQTFTG
HESDINAICFFPNGNAFATGSDDATCRLFDLRADQELMTYSHDNIICGITSVSFSKSGRLLLAGYDDFNCNVWDALKADR
AGVLAGHDNRVSCLGVTDDGMAVATGSWDSFLKIWN
;
B
4 'polypeptide(L)' MASNNTASIAQARKLVEQLKMEANIDRIKVSKAAADLMAYCEAHAKEDPLLTPVPASENPFREKKFFCAIL C
5 'polypeptide(L)'
;DVQLVESGGGLVQPGGSRKLSCSASGFAFSSFGMHWVRQAPEKGLEWVAYISSGSGTIYYADTVKGRFTISRDDPKNTLF
LQMTSLRSEDTAMYYCVRSIYYYGSSPFDFWGQGTTLTVSSGGGGSGGGGSGGGGSDIVMTQATSSVPVTPGESVSISCR
SSKSLLHSNGNTYLYWFLQRPGQSPQLLIYRMSNLASGVPDRFSGSGSGTAFTLTISRLEAEDVGVYYCMQHLEYPLTFG
AGTKLELKAAAENLYFQGHHHHHHHH
;
E
#
loop_
_chem_comp.id
_chem_comp.type
_chem_comp.name
_chem_comp.formula
KJX non-polymer (2S,4aS,4bS,7R,8S,8aS,9R,10aR)-7-[(2R,3R)-7-hydroxy-3,7-dimethyloctan-2-yl]-4a,7,8-trimethyltetradecahydrophenanthrene-2,9-diol 'C27 H46 O3'
#
# COMPACT_ATOMS: atom_id res chain seq x y z
N ASP A 24 61.75 -26.67 8.91
CA ASP A 24 61.24 -25.87 7.79
C ASP A 24 59.73 -26.08 7.61
N LEU A 25 58.95 -25.19 8.22
CA LEU A 25 57.49 -25.31 8.18
C LEU A 25 56.90 -25.00 6.82
N TYR A 26 57.68 -24.45 5.89
CA TYR A 26 57.22 -24.17 4.54
C TYR A 26 57.98 -25.00 3.51
N ALA A 27 58.40 -26.21 3.87
CA ALA A 27 59.16 -27.05 2.96
C ALA A 27 58.36 -27.44 1.72
N HIS A 28 57.03 -27.52 1.85
CA HIS A 28 56.18 -27.91 0.73
C HIS A 28 55.86 -26.75 -0.20
N HIS A 29 56.66 -25.69 -0.18
CA HIS A 29 56.45 -24.56 -1.07
C HIS A 29 56.65 -24.94 -2.53
N SER A 30 57.28 -26.08 -2.79
CA SER A 30 57.45 -26.54 -4.17
C SER A 30 56.12 -26.92 -4.79
N THR A 31 55.32 -27.73 -4.09
CA THR A 31 54.04 -28.15 -4.64
C THR A 31 52.95 -27.10 -4.46
N ALA A 32 53.05 -26.29 -3.41
CA ALA A 32 52.03 -25.28 -3.13
C ALA A 32 51.96 -24.25 -4.24
N ARG A 33 53.12 -23.78 -4.73
CA ARG A 33 53.13 -22.80 -5.79
C ARG A 33 52.55 -23.35 -7.09
N ILE A 34 52.49 -24.68 -7.21
CA ILE A 34 51.77 -25.28 -8.33
C ILE A 34 50.27 -25.28 -8.06
N VAL A 35 49.85 -25.97 -7.00
CA VAL A 35 48.43 -26.27 -6.81
C VAL A 35 47.63 -25.03 -6.39
N MET A 36 48.10 -24.32 -5.37
CA MET A 36 47.30 -23.27 -4.74
C MET A 36 46.88 -22.12 -5.66
N PRO A 37 47.76 -21.50 -6.48
CA PRO A 37 47.29 -20.33 -7.23
C PRO A 37 46.28 -20.65 -8.31
N LEU A 38 46.45 -21.77 -9.02
CA LEU A 38 45.48 -22.18 -10.03
C LEU A 38 44.10 -22.42 -9.40
N HIS A 39 44.08 -23.14 -8.27
CA HIS A 39 42.83 -23.42 -7.59
C HIS A 39 42.16 -22.15 -7.09
N TYR A 40 42.93 -21.26 -6.46
CA TYR A 40 42.35 -20.05 -5.90
C TYR A 40 41.86 -19.11 -7.00
N SER A 41 42.57 -19.06 -8.12
CA SER A 41 42.12 -18.25 -9.24
C SER A 41 40.84 -18.84 -9.85
N LEU A 42 40.75 -20.17 -9.90
CA LEU A 42 39.50 -20.81 -10.32
C LEU A 42 38.37 -20.46 -9.36
N VAL A 43 38.65 -20.48 -8.06
CA VAL A 43 37.66 -20.08 -7.06
C VAL A 43 37.20 -18.65 -7.32
N PHE A 44 38.14 -17.75 -7.57
CA PHE A 44 37.80 -16.34 -7.78
C PHE A 44 36.93 -16.16 -9.03
N ILE A 45 37.31 -16.79 -10.14
CA ILE A 45 36.57 -16.57 -11.38
C ILE A 45 35.17 -17.19 -11.29
N ILE A 46 35.06 -18.40 -10.74
CA ILE A 46 33.75 -19.03 -10.59
C ILE A 46 32.87 -18.22 -9.64
N GLY A 47 33.43 -17.74 -8.53
CA GLY A 47 32.66 -16.92 -7.62
C GLY A 47 32.18 -15.64 -8.26
N LEU A 48 33.05 -14.99 -9.04
CA LEU A 48 32.68 -13.76 -9.72
C LEU A 48 31.52 -13.99 -10.70
N VAL A 49 31.66 -15.00 -11.58
CA VAL A 49 30.66 -15.20 -12.61
C VAL A 49 29.35 -15.68 -12.01
N GLY A 50 29.41 -16.53 -10.99
CA GLY A 50 28.17 -17.02 -10.41
C GLY A 50 27.54 -16.12 -9.39
N ASN A 51 28.24 -15.10 -8.91
CA ASN A 51 27.71 -14.20 -7.92
C ASN A 51 27.20 -12.89 -8.52
N LEU A 52 27.91 -12.34 -9.51
CA LEU A 52 27.38 -11.16 -10.19
C LEU A 52 26.08 -11.48 -10.92
N LEU A 53 25.99 -12.68 -11.49
CA LEU A 53 24.77 -13.11 -12.16
C LEU A 53 23.63 -13.25 -11.14
N ALA A 54 23.94 -13.84 -9.98
CA ALA A 54 22.92 -13.95 -8.94
C ALA A 54 22.48 -12.58 -8.44
N LEU A 55 23.42 -11.65 -8.31
CA LEU A 55 23.08 -10.31 -7.83
C LEU A 55 22.19 -9.58 -8.83
N VAL A 56 22.47 -9.72 -10.13
CA VAL A 56 21.66 -9.00 -11.11
C VAL A 56 20.30 -9.65 -11.26
N VAL A 57 20.20 -10.98 -11.14
CA VAL A 57 18.88 -11.58 -11.22
C VAL A 57 18.09 -11.39 -9.93
N ILE A 58 18.73 -11.00 -8.84
CA ILE A 58 17.99 -10.59 -7.66
C ILE A 58 17.50 -9.15 -7.77
N VAL A 59 18.39 -8.22 -8.15
CA VAL A 59 17.97 -6.82 -8.19
C VAL A 59 17.02 -6.57 -9.36
N GLN A 60 17.06 -7.41 -10.39
CA GLN A 60 16.09 -7.28 -11.47
C GLN A 60 14.71 -7.76 -11.02
N ASN A 61 14.66 -8.79 -10.18
CA ASN A 61 13.40 -9.26 -9.60
C ASN A 61 13.13 -8.48 -8.32
N ARG A 62 12.74 -7.21 -8.50
CA ARG A 62 12.52 -6.30 -7.39
C ARG A 62 11.20 -6.55 -6.67
N LYS A 63 10.38 -7.49 -7.14
CA LYS A 63 9.12 -7.78 -6.45
C LYS A 63 9.38 -8.46 -5.11
N LYS A 64 10.39 -9.32 -5.04
CA LYS A 64 10.73 -10.01 -3.80
C LYS A 64 11.44 -9.04 -2.86
N ILE A 65 10.78 -8.69 -1.76
CA ILE A 65 11.33 -7.76 -0.78
C ILE A 65 11.26 -8.34 0.64
N ASN A 66 11.20 -9.65 0.76
CA ASN A 66 11.10 -10.29 2.07
C ASN A 66 12.47 -10.41 2.72
N SER A 67 12.48 -10.94 3.94
CA SER A 67 13.72 -11.03 4.71
C SER A 67 14.69 -12.01 4.08
N THR A 68 14.19 -13.10 3.50
CA THR A 68 15.06 -14.06 2.84
C THR A 68 15.80 -13.42 1.67
N THR A 69 15.15 -12.51 0.95
CA THR A 69 15.83 -11.74 -0.09
C THR A 69 16.96 -10.92 0.52
N LEU A 70 16.72 -10.31 1.69
CA LEU A 70 17.76 -9.51 2.34
C LEU A 70 18.96 -10.37 2.74
N TYR A 71 18.70 -11.54 3.31
CA TYR A 71 19.82 -12.40 3.73
C TYR A 71 20.57 -12.95 2.52
N SER A 72 19.87 -13.28 1.44
CA SER A 72 20.54 -13.76 0.24
C SER A 72 21.40 -12.66 -0.37
N THR A 73 20.89 -11.43 -0.40
CA THR A 73 21.68 -10.31 -0.91
C THR A 73 22.91 -10.06 -0.06
N ASN A 74 22.75 -10.09 1.26
CA ASN A 74 23.89 -9.90 2.15
C ASN A 74 24.93 -10.99 1.95
N LEU A 75 24.48 -12.24 1.76
CA LEU A 75 25.41 -13.34 1.54
C LEU A 75 26.18 -13.18 0.24
N VAL A 76 25.47 -12.83 -0.84
CA VAL A 76 26.18 -12.74 -2.11
C VAL A 76 27.08 -11.51 -2.16
N ILE A 77 26.71 -10.44 -1.45
CA ILE A 77 27.60 -9.28 -1.34
C ILE A 77 28.86 -9.65 -0.55
N SER A 78 28.69 -10.41 0.53
CA SER A 78 29.85 -10.85 1.31
C SER A 78 30.78 -11.72 0.47
N ASP A 79 30.20 -12.64 -0.30
CA ASP A 79 31.05 -13.50 -1.12
C ASP A 79 31.67 -12.76 -2.28
N ILE A 80 31.00 -11.74 -2.81
CA ILE A 80 31.60 -10.90 -3.85
C ILE A 80 32.79 -10.13 -3.28
N LEU A 81 32.62 -9.58 -2.07
CA LEU A 81 33.74 -8.90 -1.40
C LEU A 81 34.88 -9.86 -1.14
N PHE A 82 34.56 -11.13 -0.83
CA PHE A 82 35.62 -12.13 -0.67
C PHE A 82 36.34 -12.39 -1.99
N THR A 83 35.60 -12.43 -3.09
CA THR A 83 36.23 -12.63 -4.39
C THR A 83 37.14 -11.46 -4.75
N THR A 84 36.77 -10.25 -4.33
CA THR A 84 37.69 -9.12 -4.49
C THR A 84 38.85 -9.20 -3.51
N ALA A 85 38.65 -9.83 -2.36
CA ALA A 85 39.70 -9.96 -1.36
C ALA A 85 40.72 -11.01 -1.74
N LEU A 86 40.36 -11.92 -2.62
CA LEU A 86 41.25 -13.02 -2.99
C LEU A 86 42.50 -12.65 -3.81
N PRO A 87 42.43 -11.77 -4.83
CA PRO A 87 43.63 -11.52 -5.65
C PRO A 87 44.77 -10.83 -4.92
N THR A 88 44.54 -10.26 -3.75
CA THR A 88 45.68 -9.74 -3.00
C THR A 88 46.31 -10.82 -2.12
N ARG A 89 45.48 -11.68 -1.51
CA ARG A 89 46.01 -12.76 -0.68
C ARG A 89 46.70 -13.82 -1.53
N ILE A 90 46.36 -13.93 -2.81
CA ILE A 90 47.00 -14.92 -3.68
C ILE A 90 48.47 -14.60 -3.93
N ALA A 91 48.97 -13.46 -3.44
CA ALA A 91 50.35 -13.05 -3.70
C ALA A 91 51.35 -14.06 -3.15
N TYR A 92 51.29 -14.34 -1.84
CA TYR A 92 52.24 -15.27 -1.23
C TYR A 92 51.84 -16.72 -1.53
N TYR A 93 51.95 -17.06 -2.82
CA TYR A 93 51.84 -18.46 -3.24
C TYR A 93 52.83 -18.76 -4.37
N ALA A 94 53.97 -18.09 -4.37
CA ALA A 94 54.99 -18.27 -5.41
C ALA A 94 56.33 -17.81 -4.87
N MET A 95 57.39 -18.45 -5.35
CA MET A 95 58.74 -18.15 -4.89
C MET A 95 59.77 -18.30 -6.01
N GLY A 102 54.63 -7.02 -0.76
CA GLY A 102 55.11 -7.68 0.44
C GLY A 102 55.23 -6.76 1.62
N ASP A 103 54.41 -5.71 1.64
CA ASP A 103 54.41 -4.76 2.74
C ASP A 103 53.55 -5.28 3.89
N ALA A 104 53.28 -4.40 4.86
CA ALA A 104 52.38 -4.72 5.95
C ALA A 104 50.92 -4.80 5.51
N LEU A 105 50.63 -4.40 4.27
CA LEU A 105 49.31 -4.44 3.65
C LEU A 105 48.60 -5.77 3.85
N CYS A 106 49.38 -6.86 3.94
CA CYS A 106 48.88 -8.20 4.24
C CYS A 106 47.85 -8.19 5.36
N ARG A 107 48.18 -7.51 6.47
CA ARG A 107 47.29 -7.46 7.63
C ARG A 107 45.91 -6.93 7.26
N ILE A 108 45.88 -5.82 6.49
CA ILE A 108 44.61 -5.28 6.04
C ILE A 108 43.87 -6.30 5.18
N THR A 109 44.59 -6.97 4.27
CA THR A 109 43.98 -8.04 3.49
C THR A 109 43.47 -9.15 4.39
N ALA A 110 44.22 -9.47 5.46
CA ALA A 110 43.79 -10.50 6.40
C ALA A 110 42.46 -10.13 7.03
N LEU A 111 42.14 -8.85 7.11
CA LEU A 111 40.79 -8.44 7.48
C LEU A 111 39.79 -8.90 6.43
N VAL A 112 39.93 -8.36 5.21
CA VAL A 112 38.87 -8.47 4.21
C VAL A 112 38.69 -9.91 3.77
N PHE A 113 39.71 -10.74 3.90
CA PHE A 113 39.55 -12.18 3.79
C PHE A 113 38.68 -12.73 4.91
N TYR A 114 39.19 -12.66 6.14
CA TYR A 114 38.67 -13.54 7.18
C TYR A 114 37.34 -13.10 7.74
N ILE A 115 36.92 -11.86 7.49
CA ILE A 115 35.57 -11.48 7.83
C ILE A 115 34.58 -12.21 6.92
N ASN A 116 34.85 -12.21 5.61
CA ASN A 116 33.79 -12.46 4.63
C ASN A 116 33.26 -13.88 4.75
N THR A 117 34.16 -14.86 4.77
CA THR A 117 33.77 -16.26 4.98
C THR A 117 32.91 -16.39 6.22
N TYR A 118 33.35 -15.82 7.34
CA TYR A 118 32.54 -15.93 8.55
C TYR A 118 31.34 -14.99 8.48
N ALA A 119 31.46 -13.88 7.74
CA ALA A 119 30.28 -13.10 7.42
C ALA A 119 29.28 -13.95 6.65
N GLY A 120 29.77 -14.90 5.85
CA GLY A 120 28.87 -15.88 5.25
C GLY A 120 28.20 -16.75 6.29
N VAL A 121 28.98 -17.25 7.27
CA VAL A 121 28.53 -18.33 8.13
C VAL A 121 27.28 -17.93 8.90
N ASN A 122 27.36 -16.81 9.63
CA ASN A 122 26.23 -16.32 10.38
C ASN A 122 25.03 -16.09 9.48
N PHE A 123 25.26 -15.60 8.26
CA PHE A 123 24.15 -15.45 7.32
C PHE A 123 23.56 -16.80 6.99
N MET A 124 24.42 -17.77 6.62
CA MET A 124 23.97 -19.15 6.42
C MET A 124 23.27 -19.69 7.65
N THR A 125 23.55 -19.14 8.83
CA THR A 125 22.78 -19.49 10.01
C THR A 125 21.44 -18.78 10.02
N CYS A 126 21.45 -17.44 9.99
CA CYS A 126 20.24 -16.71 10.33
C CYS A 126 19.18 -16.89 9.25
N LEU A 127 19.60 -16.86 7.98
CA LEU A 127 18.75 -17.24 6.86
C LEU A 127 18.03 -18.54 7.14
N SER A 128 18.78 -19.58 7.56
CA SER A 128 18.17 -20.87 7.87
C SER A 128 17.11 -20.72 8.95
N ILE A 129 17.42 -19.96 10.00
CA ILE A 129 16.44 -19.68 11.05
C ILE A 129 15.19 -19.10 10.43
N ASP A 130 15.38 -18.09 9.58
CA ASP A 130 14.28 -17.49 8.83
C ASP A 130 13.46 -18.56 8.12
N ARG A 131 14.14 -19.42 7.36
CA ARG A 131 13.45 -20.48 6.64
C ARG A 131 12.66 -21.34 7.61
N PHE A 132 13.28 -21.73 8.71
CA PHE A 132 12.57 -22.51 9.73
C PHE A 132 11.34 -21.76 10.20
N ILE A 133 11.53 -20.51 10.63
CA ILE A 133 10.41 -19.77 11.20
C ILE A 133 9.41 -19.43 10.11
N ALA A 134 9.80 -19.53 8.84
CA ALA A 134 8.83 -19.27 7.78
C ALA A 134 7.98 -20.50 7.50
N VAL A 135 8.51 -21.70 7.72
CA VAL A 135 7.78 -22.89 7.32
C VAL A 135 6.97 -23.47 8.46
N VAL A 136 7.54 -23.58 9.65
CA VAL A 136 6.86 -24.24 10.76
C VAL A 136 5.93 -23.29 11.50
N HIS A 137 6.41 -22.08 11.81
CA HIS A 137 5.63 -21.08 12.55
C HIS A 137 5.45 -19.83 11.68
N PRO A 138 4.65 -19.91 10.61
CA PRO A 138 4.63 -18.80 9.63
C PRO A 138 3.96 -17.56 10.16
N LEU A 139 3.05 -17.68 11.14
CA LEU A 139 2.38 -16.52 11.70
C LEU A 139 3.38 -15.61 12.42
N ARG A 140 4.27 -16.21 13.22
CA ARG A 140 5.33 -15.42 13.86
C ARG A 140 6.31 -14.87 12.83
N TYR A 141 6.48 -15.57 11.71
CA TYR A 141 7.34 -15.08 10.63
C TYR A 141 6.77 -13.79 10.05
N ASN A 142 5.48 -13.79 9.70
CA ASN A 142 4.87 -12.59 9.18
C ASN A 142 4.71 -11.51 10.25
N LYS A 143 4.67 -11.90 11.52
CA LYS A 143 4.48 -10.91 12.58
C LYS A 143 5.78 -10.20 12.94
N ILE A 144 6.76 -10.94 13.44
CA ILE A 144 7.96 -10.34 14.01
C ILE A 144 9.14 -10.35 13.03
N LYS A 145 9.20 -11.33 12.13
CA LYS A 145 10.29 -11.42 11.16
C LYS A 145 9.93 -10.56 9.95
N ARG A 146 10.06 -9.26 10.11
CA ARG A 146 9.78 -8.29 9.08
C ARG A 146 11.06 -7.86 8.39
N ILE A 147 10.95 -6.85 7.53
CA ILE A 147 12.13 -6.27 6.90
C ILE A 147 12.92 -5.47 7.91
N GLU A 148 12.23 -4.82 8.86
CA GLU A 148 12.89 -4.01 9.87
C GLU A 148 13.76 -4.88 10.77
N HIS A 149 13.19 -5.94 11.34
CA HIS A 149 13.96 -6.84 12.19
C HIS A 149 15.06 -7.55 11.39
N ALA A 150 14.82 -7.81 10.11
CA ALA A 150 15.84 -8.43 9.28
C ALA A 150 17.04 -7.51 9.11
N LYS A 151 16.79 -6.24 8.80
CA LYS A 151 17.89 -5.28 8.69
C LYS A 151 18.59 -5.10 10.03
N GLY A 152 17.82 -5.09 11.12
CA GLY A 152 18.42 -4.98 12.44
C GLY A 152 19.36 -6.12 12.76
N VAL A 153 18.93 -7.36 12.48
CA VAL A 153 19.79 -8.49 12.79
C VAL A 153 20.94 -8.61 11.79
N CYS A 154 20.76 -8.08 10.57
CA CYS A 154 21.89 -7.99 9.65
C CYS A 154 22.98 -7.06 10.19
N ILE A 155 22.58 -5.89 10.68
CA ILE A 155 23.55 -4.97 11.28
C ILE A 155 24.16 -5.58 12.54
N PHE A 156 23.35 -6.31 13.32
CA PHE A 156 23.86 -6.98 14.50
C PHE A 156 24.94 -8.00 14.15
N VAL A 157 24.67 -8.82 13.12
CA VAL A 157 25.65 -9.80 12.66
C VAL A 157 26.90 -9.12 12.14
N TRP A 158 26.73 -8.02 11.40
CA TRP A 158 27.87 -7.31 10.84
C TRP A 158 28.76 -6.76 11.93
N ILE A 159 28.19 -6.11 12.94
CA ILE A 159 29.02 -5.57 14.01
C ILE A 159 29.58 -6.69 14.89
N LEU A 160 28.87 -7.81 14.99
CA LEU A 160 29.37 -8.95 15.76
C LEU A 160 30.61 -9.54 15.12
N VAL A 161 30.63 -9.64 13.79
CA VAL A 161 31.84 -10.15 13.14
C VAL A 161 32.90 -9.07 13.10
N PHE A 162 32.50 -7.78 13.00
CA PHE A 162 33.43 -6.66 13.03
C PHE A 162 34.29 -6.68 14.28
N ALA A 163 33.63 -6.72 15.45
CA ALA A 163 34.34 -6.67 16.72
C ALA A 163 35.26 -7.88 16.89
N GLN A 164 34.84 -9.03 16.37
CA GLN A 164 35.65 -10.23 16.55
C GLN A 164 36.86 -10.22 15.63
N THR A 165 36.75 -9.65 14.43
CA THR A 165 37.88 -9.64 13.50
C THR A 165 38.75 -8.40 13.65
N LEU A 166 38.33 -7.43 14.46
CA LEU A 166 39.15 -6.23 14.65
C LEU A 166 40.54 -6.48 15.22
N PRO A 167 40.76 -7.35 16.23
CA PRO A 167 42.14 -7.55 16.72
C PRO A 167 43.12 -8.06 15.67
N LEU A 168 42.63 -8.63 14.57
CA LEU A 168 43.53 -9.07 13.51
C LEU A 168 44.11 -7.89 12.72
N LEU A 169 43.42 -6.74 12.72
CA LEU A 169 43.90 -5.57 12.00
C LEU A 169 45.06 -4.88 12.70
N ILE A 170 45.16 -4.99 14.02
CA ILE A 170 46.12 -4.23 14.80
C ILE A 170 47.34 -5.08 15.16
N ASN A 171 47.59 -6.15 14.39
CA ASN A 171 48.76 -6.99 14.61
C ASN A 171 49.63 -6.98 13.35
N PRO A 172 50.90 -6.57 13.46
CA PRO A 172 51.80 -6.71 12.32
C PRO A 172 52.05 -8.17 11.98
N MET A 173 52.45 -8.41 10.74
CA MET A 173 52.73 -9.75 10.24
C MET A 173 54.14 -9.80 9.67
N SER A 174 55.11 -9.34 10.44
CA SER A 174 56.49 -9.18 9.97
C SER A 174 57.10 -10.53 9.61
N LYS A 175 58.27 -10.46 8.97
CA LYS A 175 59.00 -11.63 8.46
C LYS A 175 59.35 -12.64 9.54
N ILE A 181 60.53 -14.06 6.21
CA ILE A 181 60.61 -13.59 4.84
C ILE A 181 59.20 -13.69 4.25
N THR A 182 58.34 -14.40 4.96
CA THR A 182 57.00 -14.74 4.48
C THR A 182 55.98 -13.92 5.27
N CYS A 183 55.27 -13.04 4.55
CA CYS A 183 54.32 -12.09 5.13
C CYS A 183 53.28 -12.72 6.03
N MET A 184 52.44 -13.60 5.47
CA MET A 184 51.34 -14.19 6.23
C MET A 184 51.84 -15.49 6.87
N GLU A 185 52.63 -15.32 7.93
CA GLU A 185 53.21 -16.44 8.66
C GLU A 185 52.49 -16.61 9.99
N TYR A 186 51.70 -17.68 10.11
CA TYR A 186 51.05 -18.03 11.37
C TYR A 186 52.03 -18.36 12.49
N PRO A 187 53.14 -19.09 12.24
CA PRO A 187 54.14 -19.24 13.31
C PRO A 187 54.68 -17.93 13.85
N ASN A 188 54.96 -16.95 12.99
CA ASN A 188 55.34 -15.62 13.49
C ASN A 188 54.18 -14.93 14.18
N PHE A 189 52.96 -15.25 13.76
CA PHE A 189 51.77 -14.73 14.43
C PHE A 189 51.62 -15.31 15.84
N GLU A 190 51.79 -16.63 15.97
CA GLU A 190 51.40 -17.31 17.19
C GLU A 190 52.43 -17.16 18.29
N GLU A 191 51.93 -17.00 19.52
CA GLU A 191 52.71 -17.13 20.74
C GLU A 191 51.81 -17.76 21.79
N THR A 192 52.34 -18.72 22.54
CA THR A 192 51.55 -19.56 23.44
C THR A 192 50.93 -18.80 24.62
N LYS A 193 51.10 -17.48 24.70
CA LYS A 193 50.62 -16.74 25.86
C LYS A 193 49.09 -16.79 26.00
N SER A 194 48.38 -16.37 24.96
CA SER A 194 46.93 -16.23 25.06
C SER A 194 46.13 -17.01 24.03
N LEU A 195 46.73 -17.42 22.90
CA LEU A 195 46.03 -18.13 21.82
C LEU A 195 45.37 -19.44 22.23
N PRO A 196 46.04 -20.40 22.94
CA PRO A 196 45.44 -21.72 23.13
C PRO A 196 44.08 -21.77 23.80
N TRP A 197 43.64 -20.68 24.43
CA TRP A 197 42.32 -20.64 25.03
C TRP A 197 41.38 -19.63 24.41
N ILE A 198 41.87 -18.71 23.58
CA ILE A 198 40.98 -17.81 22.87
C ILE A 198 40.64 -18.32 21.48
N LEU A 199 41.53 -19.09 20.85
CA LEU A 199 41.24 -19.67 19.54
C LEU A 199 40.20 -20.77 19.63
N LEU A 200 40.19 -21.55 20.70
CA LEU A 200 39.15 -22.55 20.89
C LEU A 200 37.77 -21.89 21.03
N GLY A 201 37.70 -20.82 21.82
CA GLY A 201 36.44 -20.12 21.97
C GLY A 201 36.00 -19.42 20.69
N ALA A 202 36.96 -18.89 19.93
CA ALA A 202 36.65 -18.25 18.66
C ALA A 202 36.12 -19.25 17.65
N CYS A 203 36.78 -20.42 17.56
CA CYS A 203 36.30 -21.48 16.69
C CYS A 203 34.94 -21.98 17.13
N PHE A 204 34.71 -22.05 18.45
CA PHE A 204 33.41 -22.43 18.98
C PHE A 204 32.32 -21.48 18.50
N ILE A 205 32.43 -20.20 18.85
CA ILE A 205 31.42 -19.21 18.48
C ILE A 205 31.31 -19.03 16.97
N GLY A 206 32.35 -19.38 16.22
CA GLY A 206 32.28 -19.24 14.78
C GLY A 206 31.65 -20.41 14.05
N TYR A 207 31.87 -21.64 14.53
CA TYR A 207 31.44 -22.82 13.79
C TYR A 207 30.47 -23.70 14.55
N VAL A 208 30.72 -23.97 15.83
CA VAL A 208 30.00 -25.06 16.50
C VAL A 208 28.57 -24.65 16.80
N LEU A 209 28.37 -23.43 17.30
CA LEU A 209 27.01 -22.93 17.50
C LEU A 209 26.27 -22.72 16.19
N PRO A 210 26.84 -22.11 15.13
CA PRO A 210 26.12 -22.08 13.85
C PRO A 210 25.78 -23.44 13.30
N LEU A 211 26.66 -24.43 13.46
CA LEU A 211 26.36 -25.77 12.98
C LEU A 211 25.14 -26.35 13.69
N ILE A 212 25.09 -26.20 15.01
CA ILE A 212 23.97 -26.73 15.79
C ILE A 212 22.68 -26.02 15.39
N ILE A 213 22.74 -24.71 15.18
CA ILE A 213 21.55 -23.96 14.81
C ILE A 213 21.03 -24.38 13.43
N ILE A 214 21.95 -24.52 12.47
CA ILE A 214 21.56 -24.93 11.12
C ILE A 214 20.93 -26.31 11.15
N LEU A 215 21.56 -27.25 11.86
CA LEU A 215 21.03 -28.61 11.93
C LEU A 215 19.66 -28.65 12.59
N ILE A 216 19.48 -27.89 13.68
CA ILE A 216 18.18 -27.85 14.36
C ILE A 216 17.10 -27.31 13.43
N CYS A 217 17.37 -26.17 12.79
CA CYS A 217 16.37 -25.54 11.93
C CYS A 217 16.00 -26.44 10.76
N TYR A 218 16.99 -26.97 10.06
CA TYR A 218 16.68 -27.77 8.88
C TYR A 218 16.09 -29.13 9.25
N SER A 219 16.45 -29.67 10.42
CA SER A 219 15.82 -30.91 10.87
C SER A 219 14.35 -30.68 11.18
N GLN A 220 14.02 -29.54 11.78
CA GLN A 220 12.61 -29.23 12.03
C GLN A 220 11.85 -29.03 10.72
N ILE A 221 12.48 -28.36 9.75
CA ILE A 221 11.86 -28.18 8.44
C ILE A 221 11.56 -29.54 7.79
N CYS A 222 12.55 -30.43 7.79
CA CYS A 222 12.37 -31.73 7.18
C CYS A 222 11.32 -32.56 7.91
N CYS A 223 11.29 -32.45 9.24
CA CYS A 223 10.29 -33.19 10.00
C CYS A 223 8.88 -32.71 9.70
N LYS A 224 8.70 -31.39 9.60
CA LYS A 224 7.38 -30.87 9.25
C LYS A 224 6.97 -31.28 7.84
N LEU A 225 7.93 -31.28 6.91
CA LEU A 225 7.62 -31.72 5.55
C LEU A 225 7.22 -33.19 5.51
N PHE A 226 7.91 -34.03 6.29
CA PHE A 226 7.53 -35.43 6.34
C PHE A 226 6.17 -35.63 6.98
N ARG A 227 5.86 -34.86 8.02
CA ARG A 227 4.56 -34.93 8.67
C ARG A 227 3.45 -34.54 7.68
N THR A 228 3.67 -33.46 6.92
CA THR A 228 2.71 -33.06 5.90
C THR A 228 2.54 -34.13 4.83
N ALA A 229 3.65 -34.72 4.38
CA ALA A 229 3.58 -35.79 3.40
C ALA A 229 2.77 -36.97 3.91
N LYS A 230 2.89 -37.27 5.20
CA LYS A 230 2.07 -38.33 5.79
C LYS A 230 0.61 -37.95 5.86
N GLN A 231 0.32 -36.67 6.14
CA GLN A 231 -1.07 -36.25 6.31
C GLN A 231 -1.80 -36.12 4.98
N ASN A 232 -1.35 -35.21 4.13
CA ASN A 232 -2.10 -34.86 2.92
C ASN A 232 -1.83 -35.86 1.81
N PRO A 233 -2.87 -36.36 1.14
CA PRO A 233 -2.63 -37.21 -0.05
C PRO A 233 -2.15 -36.43 -1.25
N LEU A 234 -2.59 -35.18 -1.41
CA LEU A 234 -2.22 -34.39 -2.57
C LEU A 234 -0.76 -33.98 -2.54
N THR A 235 -0.19 -33.82 -1.34
CA THR A 235 1.23 -33.53 -1.24
C THR A 235 2.08 -34.73 -1.66
N GLU A 236 1.66 -35.92 -1.25
CA GLU A 236 2.35 -37.13 -1.68
C GLU A 236 2.18 -37.37 -3.18
N LYS A 237 1.03 -37.01 -3.74
CA LYS A 237 0.81 -37.19 -5.16
C LYS A 237 1.64 -36.20 -5.99
N SER A 238 1.43 -34.90 -5.76
CA SER A 238 2.11 -33.88 -6.54
C SER A 238 3.60 -33.86 -6.27
N GLY A 239 4.02 -34.22 -5.06
CA GLY A 239 5.44 -34.31 -4.74
C GLY A 239 6.16 -32.99 -4.73
N VAL A 240 5.55 -31.94 -4.16
CA VAL A 240 6.21 -30.64 -4.11
C VAL A 240 7.32 -30.64 -3.06
N ASN A 241 7.24 -31.51 -2.07
CA ASN A 241 8.21 -31.49 -0.98
C ASN A 241 9.49 -32.27 -1.27
N LYS A 242 9.53 -33.07 -2.33
CA LYS A 242 10.74 -33.82 -2.61
C LYS A 242 11.88 -32.90 -3.06
N LYS A 243 11.54 -31.89 -3.86
CA LYS A 243 12.54 -30.89 -4.25
C LYS A 243 13.08 -30.15 -3.03
N ALA A 244 12.18 -29.79 -2.10
CA ALA A 244 12.61 -29.10 -0.89
C ALA A 244 13.50 -30.00 -0.04
N LEU A 245 13.16 -31.28 0.06
CA LEU A 245 14.00 -32.22 0.80
C LEU A 245 15.38 -32.33 0.19
N ASN A 246 15.45 -32.45 -1.13
CA ASN A 246 16.76 -32.54 -1.80
C ASN A 246 17.58 -31.29 -1.56
N THR A 247 16.95 -30.11 -1.68
CA THR A 247 17.67 -28.87 -1.48
C THR A 247 18.16 -28.72 -0.04
N ILE A 248 17.34 -29.13 0.93
CA ILE A 248 17.74 -29.01 2.34
C ILE A 248 18.92 -29.92 2.63
N ILE A 249 18.84 -31.18 2.17
CA ILE A 249 19.96 -32.09 2.43
C ILE A 249 21.21 -31.62 1.70
N LEU A 250 21.05 -30.95 0.54
CA LEU A 250 22.20 -30.44 -0.17
C LEU A 250 22.86 -29.29 0.58
N ILE A 251 22.05 -28.37 1.12
CA ILE A 251 22.61 -27.26 1.90
C ILE A 251 23.34 -27.78 3.12
N ILE A 252 22.75 -28.76 3.81
CA ILE A 252 23.38 -29.30 5.01
C ILE A 252 24.70 -29.97 4.66
N VAL A 253 24.71 -30.80 3.61
CA VAL A 253 25.94 -31.54 3.32
C VAL A 253 27.02 -30.60 2.79
N VAL A 254 26.64 -29.56 2.05
CA VAL A 254 27.67 -28.65 1.53
C VAL A 254 28.25 -27.81 2.66
N PHE A 255 27.41 -27.37 3.62
CA PHE A 255 27.94 -26.61 4.75
C PHE A 255 28.87 -27.46 5.58
N VAL A 256 28.45 -28.69 5.88
CA VAL A 256 29.28 -29.57 6.72
C VAL A 256 30.59 -29.90 6.03
N LEU A 257 30.52 -30.39 4.78
CA LEU A 257 31.73 -30.76 4.06
C LEU A 257 32.65 -29.56 3.82
N CYS A 258 32.09 -28.34 3.75
CA CYS A 258 32.94 -27.19 3.52
C CYS A 258 33.63 -26.73 4.81
N PHE A 259 32.88 -26.64 5.91
CA PHE A 259 33.43 -25.99 7.09
C PHE A 259 33.98 -26.93 8.15
N THR A 260 33.62 -28.21 8.14
CA THR A 260 34.08 -29.11 9.19
C THR A 260 35.58 -29.31 9.24
N PRO A 261 36.32 -29.54 8.13
CA PRO A 261 37.74 -29.91 8.29
C PRO A 261 38.61 -28.84 8.93
N TYR A 262 38.40 -27.58 8.57
CA TYR A 262 39.20 -26.48 9.13
C TYR A 262 39.04 -26.41 10.64
N HIS A 263 37.80 -26.36 11.11
CA HIS A 263 37.55 -26.16 12.53
C HIS A 263 37.86 -27.43 13.32
N VAL A 264 37.67 -28.61 12.72
CA VAL A 264 38.03 -29.81 13.47
C VAL A 264 39.55 -29.92 13.55
N ALA A 265 40.28 -29.41 12.54
CA ALA A 265 41.73 -29.37 12.63
C ALA A 265 42.19 -28.43 13.73
N ILE A 266 41.53 -27.26 13.83
CA ILE A 266 41.88 -26.31 14.90
C ILE A 266 41.63 -26.91 16.27
N ILE A 267 40.44 -27.48 16.49
CA ILE A 267 40.14 -28.04 17.81
C ILE A 267 41.01 -29.24 18.11
N GLN A 268 41.29 -30.07 17.10
CA GLN A 268 42.16 -31.22 17.30
C GLN A 268 43.56 -30.78 17.68
N HIS A 269 44.06 -29.70 17.07
CA HIS A 269 45.39 -29.22 17.44
C HIS A 269 45.39 -28.63 18.84
N MET A 270 44.27 -28.00 19.25
CA MET A 270 44.21 -27.46 20.61
C MET A 270 44.20 -28.58 21.65
N ILE A 271 43.40 -29.62 21.43
CA ILE A 271 43.36 -30.73 22.37
C ILE A 271 44.68 -31.51 22.35
N LYS A 272 45.33 -31.59 21.19
CA LYS A 272 46.65 -32.23 21.13
C LYS A 272 47.68 -31.41 21.88
N LYS A 273 47.60 -30.08 21.80
CA LYS A 273 48.44 -29.23 22.62
C LYS A 273 48.18 -29.46 24.10
N LEU A 274 46.93 -29.71 24.47
CA LEU A 274 46.62 -30.04 25.86
C LEU A 274 47.28 -31.35 26.28
N ARG A 275 47.12 -32.40 25.48
CA ARG A 275 47.70 -33.69 25.84
C ARG A 275 49.21 -33.75 25.59
N PHE A 276 49.72 -32.93 24.66
CA PHE A 276 51.15 -32.84 24.36
C PHE A 276 51.55 -31.38 24.62
N SER A 277 51.98 -31.11 25.86
CA SER A 277 52.23 -29.74 26.28
C SER A 277 53.43 -29.15 25.55
N ASN A 278 54.49 -29.93 25.36
CA ASN A 278 55.63 -29.49 24.59
C ASN A 278 55.26 -29.44 23.11
N PHE A 279 56.22 -29.03 22.27
CA PHE A 279 55.95 -28.86 20.85
C PHE A 279 57.15 -29.30 20.04
N LEU A 280 56.88 -29.98 18.92
CA LEU A 280 57.88 -30.33 17.93
C LEU A 280 57.47 -29.75 16.59
N GLU A 281 58.32 -28.90 16.03
CA GLU A 281 58.05 -28.26 14.75
C GLU A 281 58.60 -29.05 13.57
N CYS A 282 59.11 -30.26 13.79
CA CYS A 282 59.68 -31.04 12.70
C CYS A 282 58.59 -31.79 11.93
N SER A 283 57.78 -32.57 12.62
CA SER A 283 56.77 -33.39 11.96
C SER A 283 55.35 -33.06 12.39
N GLN A 284 55.10 -32.95 13.69
CA GLN A 284 53.74 -32.72 14.18
C GLN A 284 53.22 -31.35 13.74
N ARG A 285 53.94 -30.29 14.09
CA ARG A 285 53.51 -28.95 13.70
C ARG A 285 53.59 -28.75 12.20
N HIS A 286 54.53 -29.43 11.54
CA HIS A 286 54.62 -29.35 10.09
C HIS A 286 53.38 -29.97 9.42
N SER A 287 53.01 -31.16 9.86
CA SER A 287 51.79 -31.79 9.35
C SER A 287 50.56 -30.96 9.69
N PHE A 288 50.57 -30.30 10.85
CA PHE A 288 49.48 -29.39 11.20
C PHE A 288 49.40 -28.23 10.22
N GLN A 289 50.55 -27.67 9.84
CA GLN A 289 50.58 -26.59 8.86
C GLN A 289 50.04 -27.06 7.52
N ILE A 290 50.46 -28.25 7.08
CA ILE A 290 49.97 -28.79 5.81
C ILE A 290 48.46 -29.00 5.88
N SER A 291 47.97 -29.52 7.02
CA SER A 291 46.54 -29.77 7.17
C SER A 291 45.74 -28.48 7.12
N LEU A 292 46.20 -27.45 7.82
CA LEU A 292 45.49 -26.18 7.85
C LEU A 292 45.50 -25.50 6.49
N HIS A 293 46.67 -25.46 5.84
CA HIS A 293 46.79 -24.90 4.51
C HIS A 293 45.98 -25.69 3.49
N PHE A 294 45.76 -26.97 3.74
CA PHE A 294 44.92 -27.78 2.87
C PHE A 294 43.44 -27.47 3.08
N THR A 295 43.00 -27.42 4.34
CA THR A 295 41.56 -27.32 4.59
C THR A 295 41.03 -25.90 4.38
N VAL A 296 41.91 -24.89 4.42
CA VAL A 296 41.44 -23.54 4.13
C VAL A 296 41.00 -23.44 2.67
N CYS A 297 41.53 -24.32 1.81
CA CYS A 297 41.05 -24.46 0.45
C CYS A 297 39.55 -24.74 0.41
N LEU A 298 39.08 -25.73 1.17
CA LEU A 298 37.66 -26.04 1.17
C LEU A 298 36.86 -24.94 1.87
N MET A 299 37.40 -24.41 2.97
CA MET A 299 36.70 -23.39 3.74
C MET A 299 36.47 -22.13 2.92
N ASN A 300 37.33 -21.87 1.94
CA ASN A 300 37.04 -20.79 0.99
C ASN A 300 36.32 -21.29 -0.26
N PHE A 301 36.42 -22.59 -0.58
CA PHE A 301 35.75 -23.14 -1.75
C PHE A 301 34.24 -23.15 -1.59
N ASN A 302 33.76 -23.05 -0.35
CA ASN A 302 32.33 -22.85 -0.11
C ASN A 302 31.71 -21.76 -0.99
N CYS A 303 32.49 -20.71 -1.29
CA CYS A 303 32.00 -19.57 -2.08
C CYS A 303 31.70 -19.97 -3.51
N CYS A 304 32.35 -21.03 -4.00
CA CYS A 304 32.04 -21.50 -5.35
C CYS A 304 30.68 -22.18 -5.40
N MET A 305 30.39 -23.04 -4.44
CA MET A 305 29.16 -23.80 -4.46
C MET A 305 27.96 -23.01 -3.99
N ASP A 306 28.16 -21.94 -3.21
CA ASP A 306 27.03 -21.15 -2.70
C ASP A 306 26.11 -20.60 -3.79
N PRO A 307 26.59 -19.97 -4.88
CA PRO A 307 25.63 -19.55 -5.91
C PRO A 307 25.00 -20.71 -6.63
N PHE A 308 25.69 -21.85 -6.75
CA PHE A 308 25.05 -23.04 -7.29
C PHE A 308 23.92 -23.50 -6.39
N ILE A 309 24.10 -23.36 -5.07
CA ILE A 309 23.02 -23.63 -4.13
C ILE A 309 21.85 -22.70 -4.37
N TYR A 310 22.14 -21.41 -4.61
CA TYR A 310 21.06 -20.45 -4.83
C TYR A 310 20.33 -20.73 -6.14
N PHE A 311 21.05 -21.19 -7.16
CA PHE A 311 20.40 -21.48 -8.44
C PHE A 311 19.64 -22.79 -8.41
N PHE A 312 20.12 -23.78 -7.65
CA PHE A 312 19.41 -25.03 -7.51
C PHE A 312 18.16 -24.87 -6.65
N ALA A 313 18.24 -24.03 -5.62
CA ALA A 313 17.13 -23.85 -4.70
C ALA A 313 15.92 -23.21 -5.38
N CYS A 314 16.11 -22.01 -5.92
CA CYS A 314 15.05 -21.37 -6.69
C CYS A 314 14.78 -22.18 -7.96
N LYS A 315 13.51 -22.22 -8.37
CA LYS A 315 13.10 -23.10 -9.44
C LYS A 315 13.19 -22.44 -10.82
N GLY A 316 12.55 -21.30 -10.99
CA GLY A 316 12.38 -20.70 -12.30
C GLY A 316 13.38 -19.66 -12.70
N TYR A 317 14.33 -19.31 -11.84
CA TYR A 317 15.32 -18.28 -12.16
C TYR A 317 16.62 -18.85 -12.72
N LYS A 318 16.78 -20.16 -12.74
CA LYS A 318 18.02 -20.75 -13.25
C LYS A 318 18.09 -20.68 -14.77
N GLY B 2 14.30 20.87 19.23
CA GLY B 2 15.01 19.65 18.89
C GLY B 2 14.58 19.07 17.54
N CYS B 3 13.29 18.83 17.40
CA CYS B 3 12.73 18.30 16.17
C CYS B 3 11.89 19.35 15.43
N THR B 4 11.76 20.56 16.01
CA THR B 4 11.15 21.75 15.41
C THR B 4 9.64 21.58 15.25
N LEU B 5 9.11 20.42 15.61
CA LEU B 5 7.67 20.20 15.55
C LEU B 5 6.99 20.81 16.75
N SER B 6 5.83 21.43 16.53
CA SER B 6 5.03 21.97 17.61
C SER B 6 4.35 20.82 18.37
N ALA B 7 3.52 21.17 19.35
CA ALA B 7 2.83 20.16 20.13
C ALA B 7 1.81 19.42 19.29
N GLU B 8 1.03 20.16 18.49
CA GLU B 8 0.03 19.53 17.65
C GLU B 8 0.66 18.68 16.55
N ASP B 9 1.84 19.07 16.07
CA ASP B 9 2.52 18.25 15.07
C ASP B 9 2.95 16.92 15.66
N LYS B 10 3.50 16.93 16.88
CA LYS B 10 3.88 15.69 17.53
C LYS B 10 2.66 14.83 17.80
N ALA B 11 1.54 15.43 18.19
CA ALA B 11 0.34 14.64 18.44
C ALA B 11 -0.22 14.07 17.15
N ALA B 12 -0.08 14.81 16.04
CA ALA B 12 -0.51 14.28 14.74
C ALA B 12 0.36 13.10 14.32
N VAL B 13 1.66 13.18 14.61
CA VAL B 13 2.53 12.04 14.30
C VAL B 13 2.20 10.85 15.18
N GLU B 14 1.80 11.11 16.43
CA GLU B 14 1.32 10.02 17.29
C GLU B 14 0.09 9.35 16.69
N ARG B 15 -0.87 10.16 16.22
CA ARG B 15 -2.07 9.61 15.60
C ARG B 15 -1.71 8.80 14.35
N SER B 16 -0.77 9.30 13.55
CA SER B 16 -0.33 8.58 12.37
C SER B 16 0.28 7.23 12.73
N LYS B 17 1.09 7.19 13.78
CA LYS B 17 1.74 5.94 14.15
C LYS B 17 0.73 4.95 14.73
N MET B 18 -0.27 5.43 15.46
CA MET B 18 -1.31 4.54 15.94
C MET B 18 -2.14 3.98 14.79
N ILE B 19 -2.42 4.81 13.78
CA ILE B 19 -3.10 4.34 12.59
C ILE B 19 -2.26 3.29 11.87
N ASP B 20 -0.95 3.50 11.82
CA ASP B 20 -0.05 2.51 11.22
C ASP B 20 -0.11 1.18 11.97
N ARG B 21 -0.12 1.24 13.30
CA ARG B 21 -0.22 0.01 14.09
C ARG B 21 -1.51 -0.74 13.79
N ASN B 22 -2.63 0.00 13.74
CA ASN B 22 -3.91 -0.65 13.45
C ASN B 22 -3.93 -1.24 12.05
N LEU B 23 -3.35 -0.54 11.07
CA LEU B 23 -3.26 -1.07 9.72
C LEU B 23 -2.44 -2.34 9.67
N ARG B 24 -1.31 -2.36 10.38
CA ARG B 24 -0.46 -3.55 10.39
C ARG B 24 -1.16 -4.73 11.03
N GLU B 25 -1.85 -4.50 12.15
CA GLU B 25 -2.57 -5.60 12.81
C GLU B 25 -3.71 -6.11 11.94
N ASP B 26 -4.42 -5.22 11.26
CA ASP B 26 -5.51 -5.67 10.39
C ASP B 26 -4.98 -6.42 9.18
N GLY B 27 -3.85 -5.98 8.63
CA GLY B 27 -3.25 -6.71 7.53
C GLY B 27 -2.75 -8.08 7.95
N GLU B 28 -2.22 -8.19 9.17
CA GLU B 28 -1.83 -9.51 9.68
C GLU B 28 -3.04 -10.40 9.88
N LYS B 29 -4.16 -9.83 10.33
CA LYS B 29 -5.39 -10.62 10.45
C LYS B 29 -5.88 -11.08 9.09
N ALA B 30 -5.70 -10.25 8.07
CA ALA B 30 -6.22 -10.60 6.75
C ALA B 30 -5.32 -11.60 6.04
N ALA B 31 -4.01 -11.53 6.26
CA ALA B 31 -3.08 -12.39 5.54
C ALA B 31 -3.16 -13.85 5.99
N ARG B 32 -3.74 -14.12 7.16
CA ARG B 32 -3.90 -15.48 7.64
C ARG B 32 -5.17 -16.14 7.14
N GLU B 33 -5.94 -15.47 6.29
CA GLU B 33 -7.14 -16.04 5.70
C GLU B 33 -6.87 -16.53 4.29
N VAL B 34 -7.65 -17.51 3.87
CA VAL B 34 -7.58 -18.08 2.53
C VAL B 34 -8.64 -17.40 1.68
N LYS B 35 -8.29 -17.05 0.45
CA LYS B 35 -9.22 -16.40 -0.48
C LYS B 35 -9.35 -17.27 -1.70
N LEU B 36 -10.53 -17.87 -1.88
CA LEU B 36 -10.81 -18.76 -3.00
C LEU B 36 -11.77 -18.07 -3.96
N LEU B 37 -11.35 -17.95 -5.21
CA LEU B 37 -12.22 -17.38 -6.25
C LEU B 37 -13.03 -18.51 -6.86
N LEU B 38 -14.37 -18.40 -6.81
CA LEU B 38 -15.24 -19.46 -7.27
C LEU B 38 -15.76 -19.14 -8.66
N LEU B 39 -15.39 -19.95 -9.65
CA LEU B 39 -15.74 -19.73 -11.04
C LEU B 39 -16.43 -20.94 -11.61
N GLY B 40 -16.93 -20.78 -12.82
CA GLY B 40 -17.61 -21.86 -13.52
C GLY B 40 -18.65 -21.31 -14.48
N ALA B 41 -19.12 -22.20 -15.34
CA ALA B 41 -20.19 -21.82 -16.26
C ALA B 41 -21.51 -21.68 -15.50
N GLY B 42 -22.50 -21.10 -16.18
CA GLY B 42 -23.81 -20.93 -15.60
C GLY B 42 -24.50 -22.24 -15.27
N GLU B 43 -25.06 -22.33 -14.06
CA GLU B 43 -25.78 -23.51 -13.57
C GLU B 43 -24.90 -24.76 -13.59
N SER B 44 -23.61 -24.59 -13.28
CA SER B 44 -22.71 -25.73 -13.16
C SER B 44 -22.80 -26.41 -11.81
N GLY B 45 -23.49 -25.81 -10.85
CA GLY B 45 -23.57 -26.34 -9.52
C GLY B 45 -22.78 -25.58 -8.47
N LYS B 46 -22.47 -24.30 -8.71
CA LYS B 46 -21.78 -23.48 -7.71
C LYS B 46 -22.59 -23.41 -6.42
N ASN B 47 -23.88 -23.11 -6.54
CA ASN B 47 -24.74 -23.00 -5.36
C ASN B 47 -24.81 -24.32 -4.59
N THR B 48 -24.77 -25.45 -5.31
CA THR B 48 -24.69 -26.74 -4.63
C THR B 48 -23.40 -26.83 -3.81
N ILE B 49 -22.30 -26.35 -4.35
CA ILE B 49 -21.02 -26.40 -3.64
C ILE B 49 -21.06 -25.50 -2.41
N VAL B 50 -21.66 -24.32 -2.53
CA VAL B 50 -21.76 -23.41 -1.39
C VAL B 50 -22.65 -24.01 -0.31
N LYS B 51 -23.71 -24.71 -0.71
CA LYS B 51 -24.57 -25.37 0.27
C LYS B 51 -23.85 -26.54 0.94
N GLN B 52 -22.97 -27.22 0.21
CA GLN B 52 -22.27 -28.37 0.77
C GLN B 52 -21.23 -27.96 1.80
N MET B 53 -20.68 -26.76 1.69
CA MET B 53 -19.54 -26.36 2.50
C MET B 53 -19.93 -25.62 3.78
N LYS B 54 -21.13 -25.88 4.30
CA LYS B 54 -21.60 -25.35 5.59
C LYS B 54 -21.56 -23.81 5.59
N ILE B 55 -22.33 -23.23 4.69
CA ILE B 55 -22.38 -21.78 4.57
C ILE B 55 -23.82 -21.29 4.70
N THR B 182 -26.45 -7.94 -4.86
CA THR B 182 -25.77 -8.24 -6.12
C THR B 182 -24.28 -7.91 -6.04
N GLY B 183 -23.58 -8.05 -7.16
CA GLY B 183 -22.15 -7.88 -7.18
C GLY B 183 -21.42 -9.13 -6.76
N ILE B 184 -20.32 -8.98 -6.01
CA ILE B 184 -19.59 -10.14 -5.52
C ILE B 184 -20.31 -10.72 -4.32
N VAL B 185 -20.57 -12.03 -4.37
CA VAL B 185 -21.17 -12.75 -3.25
C VAL B 185 -20.02 -13.37 -2.47
N GLU B 186 -19.77 -12.84 -1.28
CA GLU B 186 -18.61 -13.22 -0.48
C GLU B 186 -19.07 -14.05 0.71
N THR B 187 -18.62 -15.30 0.77
CA THR B 187 -19.06 -16.23 1.80
C THR B 187 -17.86 -16.63 2.67
N HIS B 188 -18.01 -16.46 3.99
CA HIS B 188 -16.96 -16.81 4.93
C HIS B 188 -17.32 -18.09 5.66
N PHE B 189 -16.33 -18.96 5.85
CA PHE B 189 -16.55 -20.15 6.66
C PHE B 189 -15.22 -20.66 7.19
N THR B 190 -15.24 -21.23 8.39
CA THR B 190 -14.03 -21.76 9.01
C THR B 190 -14.06 -23.27 9.03
N PHE B 191 -12.86 -23.85 9.03
CA PHE B 191 -12.70 -25.31 9.00
C PHE B 191 -11.29 -25.64 9.45
N LYS B 192 -11.18 -26.47 10.49
CA LYS B 192 -9.90 -26.93 11.03
C LYS B 192 -8.96 -25.76 11.35
N ASP B 193 -9.53 -24.75 12.00
CA ASP B 193 -8.84 -23.50 12.35
C ASP B 193 -8.24 -22.85 11.11
N LEU B 194 -8.98 -22.82 10.01
CA LEU B 194 -8.60 -22.11 8.80
C LEU B 194 -9.82 -21.39 8.27
N HIS B 195 -9.70 -20.09 8.06
CA HIS B 195 -10.82 -19.27 7.61
C HIS B 195 -10.74 -19.10 6.10
N PHE B 196 -11.79 -19.50 5.40
CA PHE B 196 -11.89 -19.35 3.96
C PHE B 196 -12.90 -18.26 3.61
N LYS B 197 -12.56 -17.45 2.62
CA LYS B 197 -13.43 -16.46 2.04
C LYS B 197 -13.59 -16.83 0.57
N MET B 198 -14.80 -17.19 0.17
CA MET B 198 -15.07 -17.62 -1.19
C MET B 198 -15.82 -16.52 -1.91
N PHE B 199 -15.22 -16.03 -3.00
CA PHE B 199 -15.78 -14.93 -3.79
C PHE B 199 -16.46 -15.52 -5.01
N ASP B 200 -17.79 -15.51 -5.02
CA ASP B 200 -18.53 -15.85 -6.21
C ASP B 200 -18.77 -14.59 -7.02
N VAL B 201 -18.32 -14.59 -8.28
CA VAL B 201 -18.44 -13.43 -9.15
C VAL B 201 -19.34 -13.71 -10.35
N GLY B 202 -20.11 -14.80 -10.31
CA GLY B 202 -21.03 -15.09 -11.40
C GLY B 202 -22.12 -14.06 -11.57
N ALA B 203 -22.43 -13.29 -10.52
CA ALA B 203 -23.45 -12.27 -10.63
C ALA B 203 -22.96 -11.02 -11.36
N GLN B 204 -21.64 -10.84 -11.45
CA GLN B 204 -21.07 -9.66 -12.10
C GLN B 204 -21.11 -9.86 -13.60
N ARG B 205 -22.07 -9.23 -14.27
CA ARG B 205 -22.28 -9.37 -15.71
C ARG B 205 -21.67 -8.16 -16.39
N SER B 206 -20.37 -8.22 -16.65
CA SER B 206 -19.63 -7.15 -17.31
C SER B 206 -18.45 -7.77 -18.04
N GLU B 207 -17.55 -6.92 -18.53
CA GLU B 207 -16.34 -7.39 -19.19
C GLU B 207 -15.45 -8.06 -18.15
N ARG B 208 -15.15 -9.35 -18.37
CA ARG B 208 -14.33 -10.08 -17.43
C ARG B 208 -12.92 -9.51 -17.35
N LYS B 209 -12.37 -9.11 -18.49
CA LYS B 209 -10.99 -8.64 -18.51
C LYS B 209 -10.83 -7.27 -17.84
N LYS B 210 -11.90 -6.65 -17.37
CA LYS B 210 -11.79 -5.35 -16.72
C LYS B 210 -11.75 -5.44 -15.21
N TRP B 211 -12.04 -6.60 -14.62
CA TRP B 211 -11.95 -6.72 -13.18
C TRP B 211 -11.33 -8.01 -12.67
N ILE B 212 -10.89 -8.93 -13.53
CA ILE B 212 -10.26 -10.15 -13.02
C ILE B 212 -8.90 -9.84 -12.42
N HIS B 213 -8.26 -8.77 -12.88
CA HIS B 213 -6.93 -8.44 -12.40
C HIS B 213 -6.92 -8.01 -10.94
N CYS B 214 -8.09 -7.76 -10.36
CA CYS B 214 -8.14 -7.47 -8.94
C CYS B 214 -8.17 -8.72 -8.09
N PHE B 215 -8.34 -9.89 -8.70
CA PHE B 215 -8.22 -11.17 -8.02
C PHE B 215 -6.86 -11.82 -8.28
N GLU B 216 -5.82 -11.01 -8.48
CA GLU B 216 -4.52 -11.56 -8.84
C GLU B 216 -3.89 -12.33 -7.69
N GLY B 217 -4.17 -11.92 -6.45
CA GLY B 217 -3.51 -12.51 -5.31
C GLY B 217 -4.35 -13.48 -4.50
N VAL B 218 -5.24 -14.22 -5.14
CA VAL B 218 -5.99 -15.26 -4.46
C VAL B 218 -5.12 -16.50 -4.38
N THR B 219 -5.42 -17.37 -3.41
CA THR B 219 -4.60 -18.57 -3.25
C THR B 219 -5.05 -19.69 -4.18
N ALA B 220 -6.33 -19.76 -4.52
CA ALA B 220 -6.79 -20.82 -5.40
C ALA B 220 -8.06 -20.38 -6.11
N ILE B 221 -8.26 -20.96 -7.29
CA ILE B 221 -9.45 -20.73 -8.09
C ILE B 221 -10.23 -22.03 -8.12
N ILE B 222 -11.32 -22.10 -7.37
CA ILE B 222 -12.21 -23.24 -7.48
C ILE B 222 -12.98 -23.10 -8.78
N PHE B 223 -13.09 -24.19 -9.53
CA PHE B 223 -13.71 -24.16 -10.86
C PHE B 223 -14.73 -25.27 -10.93
N CYS B 224 -16.02 -24.91 -10.91
CA CYS B 224 -17.09 -25.89 -10.91
C CYS B 224 -17.53 -26.18 -12.33
N VAL B 225 -17.42 -27.44 -12.75
CA VAL B 225 -17.82 -27.87 -14.08
C VAL B 225 -18.81 -29.01 -13.93
N ALA B 226 -19.98 -28.85 -14.55
CA ALA B 226 -20.97 -29.92 -14.53
C ALA B 226 -20.54 -31.04 -15.47
N LEU B 227 -20.78 -32.28 -15.06
CA LEU B 227 -20.34 -33.43 -15.85
C LEU B 227 -21.38 -33.81 -16.90
N SER B 228 -22.65 -33.89 -16.52
CA SER B 228 -23.70 -34.24 -17.47
C SER B 228 -23.88 -33.20 -18.55
N ASP B 229 -23.45 -31.96 -18.29
CA ASP B 229 -23.62 -30.85 -19.22
C ASP B 229 -22.92 -31.06 -20.56
N TYR B 230 -22.16 -32.15 -20.72
CA TYR B 230 -21.64 -32.52 -22.03
C TYR B 230 -22.75 -32.82 -23.02
N ASP B 231 -23.97 -33.11 -22.56
CA ASP B 231 -25.07 -33.38 -23.46
C ASP B 231 -26.20 -32.38 -23.24
N LEU B 232 -25.86 -31.10 -23.10
CA LEU B 232 -26.86 -30.07 -22.89
C LEU B 232 -26.39 -28.76 -23.51
N VAL B 233 -27.35 -27.90 -23.81
CA VAL B 233 -27.10 -26.55 -24.33
C VAL B 233 -27.98 -25.59 -23.56
N LEU B 234 -27.40 -24.49 -23.07
CA LEU B 234 -28.11 -23.56 -22.19
C LEU B 234 -28.56 -22.30 -22.93
N ALA B 235 -27.63 -21.59 -23.57
CA ALA B 235 -27.90 -20.25 -24.06
C ALA B 235 -28.78 -20.29 -25.31
N GLU B 236 -29.04 -19.09 -25.85
CA GLU B 236 -29.79 -18.99 -27.10
C GLU B 236 -29.03 -19.60 -28.26
N ASP B 237 -27.71 -19.62 -28.19
CA ASP B 237 -26.89 -20.28 -29.21
C ASP B 237 -27.06 -21.79 -29.05
N GLU B 238 -27.93 -22.38 -29.87
CA GLU B 238 -28.30 -23.77 -29.70
C GLU B 238 -27.31 -24.73 -30.35
N GLU B 239 -26.44 -24.23 -31.24
CA GLU B 239 -25.54 -25.13 -31.96
C GLU B 239 -24.30 -25.49 -31.15
N MET B 240 -23.98 -24.72 -30.12
CA MET B 240 -22.77 -24.98 -29.34
C MET B 240 -23.08 -25.83 -28.12
N ASN B 241 -22.37 -26.95 -28.00
CA ASN B 241 -22.51 -27.80 -26.82
C ASN B 241 -21.80 -27.12 -25.64
N ARG B 242 -22.50 -27.06 -24.51
CA ARG B 242 -22.07 -26.17 -23.43
C ARG B 242 -20.85 -26.69 -22.69
N MET B 243 -20.47 -27.96 -22.85
CA MET B 243 -19.18 -28.41 -22.31
C MET B 243 -18.02 -27.78 -23.05
N HIS B 244 -18.17 -27.56 -24.36
CA HIS B 244 -17.13 -26.87 -25.10
C HIS B 244 -16.99 -25.43 -24.61
N ALA B 245 -18.11 -24.77 -24.33
CA ALA B 245 -18.04 -23.43 -23.76
C ALA B 245 -17.44 -23.44 -22.36
N SER B 246 -17.75 -24.47 -21.57
CA SER B 246 -17.21 -24.58 -20.22
C SER B 246 -15.69 -24.72 -20.26
N MET B 247 -15.18 -25.59 -21.12
CA MET B 247 -13.73 -25.74 -21.17
C MET B 247 -13.07 -24.60 -21.94
N LYS B 248 -13.81 -23.87 -22.78
CA LYS B 248 -13.30 -22.61 -23.31
C LYS B 248 -13.08 -21.61 -22.20
N LEU B 249 -14.05 -21.50 -21.29
CA LEU B 249 -13.89 -20.63 -20.13
C LEU B 249 -12.73 -21.10 -19.26
N PHE B 250 -12.57 -22.41 -19.10
CA PHE B 250 -11.45 -22.95 -18.34
C PHE B 250 -10.13 -22.58 -18.98
N ASP B 251 -10.05 -22.65 -20.31
CA ASP B 251 -8.82 -22.30 -21.00
C ASP B 251 -8.55 -20.80 -20.90
N SER B 252 -9.61 -20.00 -20.88
CA SER B 252 -9.43 -18.55 -20.77
C SER B 252 -8.97 -18.15 -19.37
N ILE B 253 -9.42 -18.87 -18.35
CA ILE B 253 -9.05 -18.53 -16.99
C ILE B 253 -7.69 -19.11 -16.62
N CYS B 254 -7.44 -20.36 -17.00
CA CYS B 254 -6.20 -21.04 -16.61
C CYS B 254 -4.99 -20.38 -17.24
N ASN B 255 -5.08 -20.05 -18.53
CA ASN B 255 -3.97 -19.45 -19.25
C ASN B 255 -3.96 -17.93 -19.18
N ASN B 256 -4.71 -17.35 -18.26
CA ASN B 256 -4.75 -15.90 -18.12
C ASN B 256 -3.43 -15.38 -17.59
N LYS B 257 -3.05 -14.18 -18.02
CA LYS B 257 -1.74 -13.65 -17.63
C LYS B 257 -1.69 -13.17 -16.20
N TRP B 258 -2.83 -13.06 -15.52
CA TRP B 258 -2.84 -12.72 -14.10
C TRP B 258 -2.75 -13.93 -13.21
N PHE B 259 -3.05 -15.11 -13.72
CA PHE B 259 -3.07 -16.32 -12.91
C PHE B 259 -2.00 -17.30 -13.37
N THR B 260 -0.80 -16.79 -13.63
CA THR B 260 0.29 -17.64 -14.09
C THR B 260 0.74 -18.64 -13.02
N ASP B 261 0.48 -18.36 -11.75
CA ASP B 261 0.89 -19.28 -10.69
C ASP B 261 -0.19 -19.48 -9.64
N THR B 262 -1.44 -19.14 -9.94
CA THR B 262 -2.54 -19.35 -9.02
C THR B 262 -3.17 -20.71 -9.30
N SER B 263 -3.05 -21.62 -8.35
CA SER B 263 -3.50 -22.99 -8.55
C SER B 263 -5.01 -23.07 -8.72
N ILE B 264 -5.46 -24.09 -9.44
CA ILE B 264 -6.86 -24.28 -9.79
C ILE B 264 -7.34 -25.58 -9.18
N ILE B 265 -8.55 -25.57 -8.62
CA ILE B 265 -9.15 -26.73 -8.00
C ILE B 265 -10.40 -27.06 -8.81
N LEU B 266 -10.33 -28.06 -9.67
CA LEU B 266 -11.50 -28.46 -10.42
C LEU B 266 -12.50 -29.16 -9.51
N PHE B 267 -13.78 -29.04 -9.87
CA PHE B 267 -14.87 -29.76 -9.21
C PHE B 267 -15.82 -30.23 -10.31
N LEU B 268 -15.67 -31.48 -10.71
CA LEU B 268 -16.58 -32.09 -11.67
C LEU B 268 -17.82 -32.53 -10.90
N ASN B 269 -18.88 -31.75 -11.02
CA ASN B 269 -20.09 -31.94 -10.23
C ASN B 269 -20.98 -33.02 -10.82
N LYS B 270 -22.05 -33.31 -10.08
CA LYS B 270 -23.16 -34.23 -10.46
C LYS B 270 -22.67 -35.48 -11.19
N LYS B 271 -21.71 -36.17 -10.57
CA LYS B 271 -21.26 -37.45 -11.12
C LYS B 271 -22.33 -38.53 -11.00
N ASP B 272 -23.33 -38.34 -10.12
CA ASP B 272 -24.39 -39.34 -9.99
C ASP B 272 -25.33 -39.30 -11.19
N LEU B 273 -25.60 -38.11 -11.72
CA LEU B 273 -26.42 -37.97 -12.92
C LEU B 273 -25.64 -38.23 -14.19
N PHE B 274 -24.31 -38.34 -14.10
CA PHE B 274 -23.49 -38.57 -15.27
C PHE B 274 -23.66 -39.99 -15.80
N GLU B 275 -23.95 -40.95 -14.91
CA GLU B 275 -24.00 -42.35 -15.31
C GLU B 275 -25.22 -42.63 -16.21
N GLU B 276 -26.35 -41.98 -15.93
CA GLU B 276 -27.52 -42.15 -16.76
C GLU B 276 -27.26 -41.65 -18.18
N LYS B 277 -26.63 -40.48 -18.30
CA LYS B 277 -26.30 -39.97 -19.63
C LYS B 277 -25.24 -40.83 -20.31
N ILE B 278 -24.35 -41.47 -19.55
CA ILE B 278 -23.41 -42.41 -20.15
C ILE B 278 -24.16 -43.61 -20.73
N LYS B 279 -25.10 -44.15 -19.98
CA LYS B 279 -25.90 -45.27 -20.48
C LYS B 279 -26.71 -44.88 -21.71
N LYS B 280 -27.22 -43.65 -21.75
CA LYS B 280 -28.08 -43.26 -22.85
C LYS B 280 -27.31 -42.64 -24.02
N SER B 281 -26.33 -41.78 -23.75
CA SER B 281 -25.69 -41.03 -24.84
C SER B 281 -24.19 -40.89 -24.61
N PRO B 282 -23.36 -41.59 -25.39
CA PRO B 282 -21.90 -41.57 -25.15
C PRO B 282 -21.25 -40.22 -25.41
N LEU B 283 -19.93 -40.16 -25.25
CA LEU B 283 -19.20 -38.91 -25.44
C LEU B 283 -19.04 -38.53 -26.90
N THR B 284 -19.54 -39.33 -27.84
CA THR B 284 -19.42 -38.98 -29.25
C THR B 284 -20.17 -37.70 -29.59
N ILE B 285 -21.18 -37.34 -28.79
CA ILE B 285 -21.87 -36.07 -28.99
C ILE B 285 -20.94 -34.90 -28.71
N CYS B 286 -20.34 -34.88 -27.51
CA CYS B 286 -19.48 -33.77 -27.15
C CYS B 286 -18.07 -33.93 -27.73
N TYR B 287 -17.49 -35.13 -27.64
CA TYR B 287 -16.18 -35.41 -28.22
C TYR B 287 -16.35 -36.43 -29.33
N PRO B 288 -16.45 -36.00 -30.60
CA PRO B 288 -16.55 -36.96 -31.71
C PRO B 288 -15.33 -37.86 -31.84
N GLU B 289 -14.19 -37.47 -31.27
CA GLU B 289 -12.96 -38.26 -31.29
C GLU B 289 -12.86 -39.23 -30.12
N TYR B 290 -13.99 -39.58 -29.53
CA TYR B 290 -14.00 -40.46 -28.36
C TYR B 290 -13.56 -41.86 -28.73
N ALA B 291 -12.63 -42.41 -27.96
CA ALA B 291 -12.14 -43.77 -28.19
C ALA B 291 -12.63 -44.78 -27.16
N GLY B 292 -13.02 -44.33 -25.96
CA GLY B 292 -13.37 -45.23 -24.89
C GLY B 292 -14.75 -45.82 -25.02
N SER B 293 -15.11 -46.61 -24.00
CA SER B 293 -16.39 -47.29 -23.95
C SER B 293 -17.40 -46.48 -23.14
N ASN B 294 -18.62 -47.02 -23.05
CA ASN B 294 -19.70 -46.39 -22.29
C ASN B 294 -19.69 -46.88 -20.84
N THR B 295 -18.62 -46.53 -20.13
CA THR B 295 -18.53 -46.78 -18.70
C THR B 295 -18.12 -45.50 -18.00
N TYR B 296 -18.56 -45.38 -16.74
CA TYR B 296 -18.38 -44.12 -16.02
C TYR B 296 -16.91 -43.83 -15.75
N GLU B 297 -16.13 -44.86 -15.42
CA GLU B 297 -14.73 -44.64 -15.04
C GLU B 297 -13.91 -44.12 -16.20
N GLU B 298 -13.99 -44.78 -17.36
CA GLU B 298 -13.20 -44.38 -18.50
C GLU B 298 -13.63 -43.01 -19.02
N ALA B 299 -14.94 -42.75 -19.03
CA ALA B 299 -15.45 -41.46 -19.48
C ALA B 299 -14.99 -40.33 -18.56
N ALA B 300 -15.08 -40.56 -17.25
CA ALA B 300 -14.64 -39.55 -16.28
C ALA B 300 -13.15 -39.29 -16.40
N ALA B 301 -12.36 -40.36 -16.57
CA ALA B 301 -10.92 -40.19 -16.73
C ALA B 301 -10.59 -39.42 -17.99
N TYR B 302 -11.32 -39.69 -19.08
CA TYR B 302 -11.07 -38.98 -20.33
C TYR B 302 -11.45 -37.51 -20.22
N ILE B 303 -12.56 -37.22 -19.55
CA ILE B 303 -12.98 -35.82 -19.37
C ILE B 303 -11.95 -35.07 -18.53
N GLN B 304 -11.50 -35.70 -17.44
CA GLN B 304 -10.49 -35.07 -16.59
C GLN B 304 -9.19 -34.83 -17.35
N CYS B 305 -8.78 -35.79 -18.18
CA CYS B 305 -7.56 -35.61 -18.97
C CYS B 305 -7.73 -34.48 -19.98
N GLN B 306 -8.89 -34.42 -20.63
CA GLN B 306 -9.14 -33.35 -21.59
C GLN B 306 -9.11 -31.99 -20.93
N PHE B 307 -9.64 -31.89 -19.71
CA PHE B 307 -9.61 -30.62 -18.99
C PHE B 307 -8.20 -30.24 -18.59
N GLU B 308 -7.46 -31.18 -17.96
CA GLU B 308 -6.14 -30.84 -17.46
C GLU B 308 -5.14 -30.59 -18.57
N ASP B 309 -5.38 -31.13 -19.77
CA ASP B 309 -4.48 -30.83 -20.88
C ASP B 309 -4.68 -29.43 -21.44
N LEU B 310 -5.69 -28.68 -20.98
CA LEU B 310 -5.83 -27.29 -21.39
C LEU B 310 -4.84 -26.38 -20.68
N ASN B 311 -4.21 -26.87 -19.62
CA ASN B 311 -3.18 -26.11 -18.92
C ASN B 311 -1.97 -25.92 -19.82
N LYS B 312 -1.54 -24.68 -20.00
CA LYS B 312 -0.32 -24.38 -20.74
C LYS B 312 0.82 -23.95 -19.83
N ARG B 313 0.65 -24.09 -18.52
CA ARG B 313 1.61 -23.65 -17.51
C ARG B 313 1.83 -24.74 -16.48
N LYS B 314 2.09 -25.97 -16.96
CA LYS B 314 2.11 -27.15 -16.09
C LYS B 314 3.19 -27.07 -15.03
N ASP B 315 4.25 -26.30 -15.28
CA ASP B 315 5.35 -26.23 -14.32
C ASP B 315 5.09 -25.24 -13.20
N THR B 316 4.38 -24.15 -13.49
CA THR B 316 4.16 -23.11 -12.49
C THR B 316 2.88 -23.30 -11.70
N LYS B 317 1.98 -24.18 -12.13
CA LYS B 317 0.64 -24.24 -11.58
C LYS B 317 0.15 -25.68 -11.58
N GLU B 318 -0.52 -26.07 -10.50
CA GLU B 318 -1.08 -27.40 -10.35
C GLU B 318 -2.59 -27.33 -10.46
N ILE B 319 -3.19 -28.42 -10.92
CA ILE B 319 -4.64 -28.51 -11.09
C ILE B 319 -5.13 -29.73 -10.34
N TYR B 320 -5.84 -29.51 -9.23
CA TYR B 320 -6.42 -30.59 -8.46
C TYR B 320 -7.83 -30.85 -8.95
N THR B 321 -8.18 -32.13 -9.09
CA THR B 321 -9.48 -32.52 -9.61
C THR B 321 -10.19 -33.37 -8.59
N HIS B 322 -11.51 -33.21 -8.49
CA HIS B 322 -12.29 -33.97 -7.54
C HIS B 322 -13.70 -34.16 -8.08
N PHE B 323 -14.20 -35.39 -8.00
CA PHE B 323 -15.54 -35.71 -8.46
C PHE B 323 -16.48 -35.61 -7.26
N THR B 324 -17.52 -34.81 -7.40
CA THR B 324 -18.42 -34.54 -6.28
C THR B 324 -19.81 -35.04 -6.62
N CYS B 325 -20.72 -34.93 -5.64
CA CYS B 325 -22.14 -35.15 -5.84
C CYS B 325 -22.88 -34.38 -4.75
N ALA B 326 -24.20 -34.53 -4.72
CA ALA B 326 -25.00 -33.79 -3.76
C ALA B 326 -24.71 -34.24 -2.33
N THR B 327 -24.48 -35.54 -2.13
CA THR B 327 -24.25 -36.10 -0.81
C THR B 327 -22.78 -36.16 -0.42
N ASP B 328 -21.88 -35.76 -1.30
CA ASP B 328 -20.45 -35.83 -1.00
C ASP B 328 -20.09 -34.74 -0.01
N THR B 329 -19.88 -35.14 1.25
CA THR B 329 -19.49 -34.21 2.31
C THR B 329 -17.97 -34.12 2.49
N LYS B 330 -17.21 -34.81 1.65
CA LYS B 330 -15.76 -34.74 1.68
C LYS B 330 -15.22 -33.60 0.86
N ASN B 331 -16.09 -32.69 0.40
CA ASN B 331 -15.65 -31.60 -0.46
C ASN B 331 -14.77 -30.62 0.30
N VAL B 332 -15.20 -30.24 1.51
CA VAL B 332 -14.44 -29.31 2.32
C VAL B 332 -13.10 -29.90 2.69
N GLN B 333 -13.05 -31.22 2.88
CA GLN B 333 -11.79 -31.88 3.17
C GLN B 333 -10.82 -31.78 2.00
N PHE B 334 -11.32 -31.97 0.78
CA PHE B 334 -10.47 -31.83 -0.39
C PHE B 334 -9.98 -30.40 -0.56
N VAL B 335 -10.87 -29.43 -0.32
CA VAL B 335 -10.48 -28.03 -0.42
C VAL B 335 -9.42 -27.71 0.62
N PHE B 336 -9.57 -28.25 1.84
CA PHE B 336 -8.58 -28.01 2.89
C PHE B 336 -7.24 -28.61 2.52
N ASP B 337 -7.23 -29.83 1.98
CA ASP B 337 -5.99 -30.47 1.58
C ASP B 337 -5.29 -29.68 0.48
N ALA B 338 -6.04 -29.27 -0.55
CA ALA B 338 -5.44 -28.53 -1.64
C ALA B 338 -4.93 -27.16 -1.19
N VAL B 339 -5.68 -26.49 -0.32
CA VAL B 339 -5.26 -25.18 0.17
C VAL B 339 -4.02 -25.30 1.04
N THR B 340 -3.95 -26.35 1.88
CA THR B 340 -2.75 -26.56 2.68
C THR B 340 -1.54 -26.83 1.79
N ASP B 341 -1.73 -27.62 0.73
CA ASP B 341 -0.65 -27.85 -0.22
C ASP B 341 -0.19 -26.55 -0.86
N VAL B 342 -1.13 -25.72 -1.31
CA VAL B 342 -0.76 -24.47 -1.99
C VAL B 342 -0.06 -23.52 -1.02
N ILE B 343 -0.51 -23.47 0.23
CA ILE B 343 0.12 -22.58 1.21
C ILE B 343 1.53 -23.02 1.52
N ILE B 344 1.75 -24.32 1.71
CA ILE B 344 3.10 -24.81 2.00
C ILE B 344 4.00 -24.61 0.79
N LYS B 345 3.47 -24.78 -0.42
CA LYS B 345 4.27 -24.52 -1.61
C LYS B 345 4.63 -23.04 -1.74
N ASN B 346 3.69 -22.16 -1.37
CA ASN B 346 3.98 -20.73 -1.40
C ASN B 346 5.04 -20.36 -0.37
N ASN B 347 4.98 -20.97 0.81
CA ASN B 347 5.98 -20.69 1.84
C ASN B 347 7.35 -21.20 1.41
N LEU B 348 7.40 -22.39 0.81
CA LEU B 348 8.67 -22.91 0.31
C LEU B 348 9.18 -22.11 -0.88
N LYS B 349 8.30 -21.41 -1.58
CA LYS B 349 8.76 -20.51 -2.64
C LYS B 349 9.30 -19.21 -2.07
N ASP B 350 8.68 -18.71 -0.99
CA ASP B 350 9.19 -17.50 -0.36
C ASP B 350 10.48 -17.75 0.38
N CYS B 351 10.66 -18.96 0.93
CA CYS B 351 11.94 -19.32 1.54
C CYS B 351 13.05 -19.43 0.51
N GLY B 352 12.71 -19.66 -0.76
CA GLY B 352 13.70 -19.93 -1.77
C GLY B 352 14.00 -21.39 -1.96
N LEU B 353 13.55 -22.26 -1.05
CA LEU B 353 13.81 -23.69 -1.17
C LEU B 353 13.13 -24.28 -2.40
N PHE B 354 11.94 -23.79 -2.74
CA PHE B 354 11.21 -24.28 -3.89
C PHE B 354 11.09 -23.20 -4.95
N SER C 18 -38.44 -2.83 -45.35
CA SER C 18 -38.75 -2.94 -43.94
C SER C 18 -38.47 -1.63 -43.21
N GLU C 19 -38.95 -1.54 -41.97
CA GLU C 19 -38.73 -0.32 -41.19
C GLU C 19 -37.35 -0.32 -40.53
N LEU C 20 -36.87 -1.50 -40.13
CA LEU C 20 -35.57 -1.58 -39.47
C LEU C 20 -34.44 -1.14 -40.39
N ASP C 21 -34.44 -1.65 -41.63
CA ASP C 21 -33.42 -1.26 -42.59
C ASP C 21 -33.56 0.21 -42.97
N GLN C 22 -34.80 0.71 -43.00
CA GLN C 22 -35.03 2.13 -43.25
C GLN C 22 -34.38 3.00 -42.18
N LEU C 23 -34.61 2.67 -40.91
CA LEU C 23 -34.03 3.44 -39.82
C LEU C 23 -32.52 3.30 -39.80
N ARG C 24 -32.00 2.11 -40.12
CA ARG C 24 -30.56 1.92 -40.11
C ARG C 24 -29.89 2.70 -41.25
N GLN C 25 -30.53 2.74 -42.42
CA GLN C 25 -30.00 3.53 -43.52
C GLN C 25 -30.06 5.03 -43.20
N GLU C 26 -31.12 5.46 -42.50
CA GLU C 26 -31.20 6.85 -42.07
C GLU C 26 -30.07 7.18 -41.09
N ALA C 27 -29.80 6.27 -40.15
CA ALA C 27 -28.72 6.48 -39.20
C ALA C 27 -27.36 6.51 -39.90
N GLU C 28 -27.18 5.68 -40.93
CA GLU C 28 -25.92 5.68 -41.65
C GLU C 28 -25.75 6.96 -42.47
N GLN C 29 -26.83 7.45 -43.08
CA GLN C 29 -26.76 8.74 -43.76
C GLN C 29 -26.42 9.86 -42.79
N LEU C 30 -26.98 9.80 -41.58
CA LEU C 30 -26.66 10.83 -40.59
C LEU C 30 -25.22 10.74 -40.14
N LYS C 31 -24.69 9.53 -39.98
CA LYS C 31 -23.28 9.39 -39.61
C LYS C 31 -22.37 9.90 -40.71
N ASN C 32 -22.73 9.66 -41.97
CA ASN C 32 -21.94 10.20 -43.07
C ASN C 32 -22.02 11.72 -43.11
N GLN C 33 -23.19 12.28 -42.82
CA GLN C 33 -23.32 13.74 -42.77
C GLN C 33 -22.46 14.32 -41.65
N ILE C 34 -22.43 13.66 -40.50
CA ILE C 34 -21.61 14.13 -39.38
C ILE C 34 -20.14 14.07 -39.74
N ARG C 35 -19.71 12.98 -40.37
CA ARG C 35 -18.29 12.87 -40.75
C ARG C 35 -17.92 13.90 -41.80
N ASP C 36 -18.84 14.18 -42.74
CA ASP C 36 -18.56 15.19 -43.76
C ASP C 36 -18.50 16.58 -43.15
N ALA C 37 -19.36 16.87 -42.16
CA ALA C 37 -19.31 18.16 -41.51
C ALA C 37 -18.05 18.31 -40.67
N ARG C 38 -17.60 17.22 -40.04
CA ARG C 38 -16.36 17.27 -39.26
C ARG C 38 -15.16 17.48 -40.15
N LYS C 39 -15.14 16.84 -41.32
CA LYS C 39 -14.01 17.02 -42.23
C LYS C 39 -14.04 18.41 -42.87
N ALA C 40 -15.21 19.04 -42.94
CA ALA C 40 -15.32 20.36 -43.54
C ALA C 40 -14.78 21.47 -42.63
N CYS C 41 -14.49 21.16 -41.37
CA CYS C 41 -13.95 22.15 -40.45
C CYS C 41 -12.45 22.05 -40.26
N ALA C 42 -11.84 20.90 -40.56
CA ALA C 42 -10.41 20.71 -40.37
C ALA C 42 -9.64 21.42 -41.49
N ASP C 43 -9.56 22.74 -41.36
CA ASP C 43 -8.79 23.52 -42.32
C ASP C 43 -7.29 23.41 -42.06
N ALA C 44 -6.91 23.12 -40.82
CA ALA C 44 -5.51 22.93 -40.47
C ALA C 44 -5.44 21.92 -39.32
N THR C 45 -4.23 21.55 -38.94
CA THR C 45 -4.01 20.67 -37.81
C THR C 45 -3.34 21.44 -36.68
N LEU C 46 -3.44 20.90 -35.47
CA LEU C 46 -2.80 21.55 -34.33
C LEU C 46 -1.29 21.54 -34.48
N SER C 47 -0.73 20.47 -35.05
CA SER C 47 0.71 20.41 -35.29
C SER C 47 1.17 21.41 -36.35
N GLN C 48 0.27 21.91 -37.17
CA GLN C 48 0.63 22.94 -38.14
C GLN C 48 0.56 24.33 -37.53
N ILE C 49 -0.26 24.53 -36.50
CA ILE C 49 -0.34 25.84 -35.88
C ILE C 49 0.70 25.99 -34.78
N THR C 50 1.09 24.89 -34.13
CA THR C 50 2.09 24.93 -33.06
C THR C 50 3.47 24.56 -33.58
N ASN C 51 3.78 24.97 -34.80
CA ASN C 51 5.09 24.67 -35.37
C ASN C 51 6.13 25.70 -34.94
N ASN C 52 5.75 26.97 -34.84
CA ASN C 52 6.70 28.02 -34.49
C ASN C 52 6.82 28.26 -32.99
N ILE C 53 5.90 27.72 -32.19
CA ILE C 53 6.01 27.86 -30.74
C ILE C 53 7.22 27.08 -30.23
N ASP C 54 7.90 27.64 -29.23
CA ASP C 54 9.11 27.03 -28.71
C ASP C 54 8.78 25.78 -27.89
N PRO C 55 9.64 24.76 -27.94
CA PRO C 55 9.37 23.52 -27.21
C PRO C 55 9.55 23.71 -25.71
N VAL C 56 9.00 22.76 -24.96
CA VAL C 56 9.05 22.82 -23.51
C VAL C 56 10.45 22.53 -22.99
N GLY C 57 11.18 21.64 -23.68
CA GLY C 57 12.46 21.20 -23.18
C GLY C 57 12.34 19.91 -22.39
N ARG C 58 13.32 19.67 -21.54
CA ARG C 58 13.32 18.50 -20.68
C ARG C 58 12.65 18.83 -19.36
N ILE C 59 12.00 17.83 -18.77
CA ILE C 59 11.29 17.97 -17.51
C ILE C 59 11.73 16.82 -16.63
N GLN C 60 12.61 17.10 -15.67
CA GLN C 60 13.06 16.11 -14.71
C GLN C 60 12.39 16.41 -13.37
N MET C 61 11.42 15.58 -13.00
CA MET C 61 10.69 15.72 -11.74
C MET C 61 11.09 14.60 -10.80
N ARG C 62 11.47 14.95 -9.59
CA ARG C 62 12.00 13.99 -8.62
C ARG C 62 10.94 13.64 -7.59
N THR C 63 11.01 12.41 -7.09
CA THR C 63 10.07 11.94 -6.08
C THR C 63 10.30 12.71 -4.78
N ARG C 64 9.36 13.60 -4.44
CA ARG C 64 9.49 14.34 -3.19
C ARG C 64 8.99 13.53 -2.00
N ARG C 65 7.84 12.89 -2.14
CA ARG C 65 7.27 12.12 -1.04
C ARG C 65 6.95 10.71 -1.50
N THR C 66 7.06 9.77 -0.57
CA THR C 66 6.63 8.39 -0.80
C THR C 66 5.74 7.97 0.35
N LEU C 67 4.45 7.80 0.07
CA LEU C 67 3.47 7.46 1.09
C LEU C 67 3.31 5.94 1.10
N ARG C 68 3.71 5.33 2.21
CA ARG C 68 3.57 3.91 2.47
C ARG C 68 2.52 3.67 3.53
N GLY C 69 1.96 2.48 3.53
CA GLY C 69 0.96 2.13 4.52
C GLY C 69 -0.13 1.25 3.96
N HIS C 70 -0.26 1.23 2.64
CA HIS C 70 -1.17 0.32 1.99
C HIS C 70 -0.51 -1.04 1.84
N LEU C 71 -1.32 -2.10 1.90
CA LEU C 71 -0.81 -3.46 1.87
C LEU C 71 -1.28 -4.24 0.64
N ALA C 72 -1.80 -3.56 -0.36
CA ALA C 72 -2.26 -4.21 -1.58
C ALA C 72 -2.26 -3.18 -2.70
N LYS C 73 -2.83 -3.55 -3.85
CA LYS C 73 -2.86 -2.65 -4.99
C LYS C 73 -3.68 -1.41 -4.69
N ILE C 74 -3.12 -0.25 -4.96
CA ILE C 74 -3.84 1.02 -4.81
C ILE C 74 -4.57 1.30 -6.11
N TYR C 75 -5.89 1.41 -6.04
CA TYR C 75 -6.67 1.45 -7.28
C TYR C 75 -7.10 2.83 -7.70
N ALA C 76 -7.15 3.79 -6.79
CA ALA C 76 -7.53 5.14 -7.17
C ALA C 76 -7.05 6.12 -6.10
N MET C 77 -7.04 7.39 -6.47
CA MET C 77 -6.73 8.46 -5.54
C MET C 77 -7.37 9.74 -6.05
N HIS C 78 -7.42 10.74 -5.18
CA HIS C 78 -7.97 12.03 -5.58
C HIS C 78 -7.46 13.10 -4.62
N TRP C 79 -6.98 14.20 -5.17
CA TRP C 79 -6.51 15.31 -4.34
C TRP C 79 -7.68 16.05 -3.73
N GLY C 80 -7.48 16.52 -2.50
CA GLY C 80 -8.41 17.47 -1.93
C GLY C 80 -8.32 18.80 -2.65
N THR C 81 -9.36 19.61 -2.47
CA THR C 81 -9.39 20.90 -3.17
C THR C 81 -8.37 21.88 -2.63
N ASP C 82 -7.86 21.66 -1.42
CA ASP C 82 -6.84 22.53 -0.83
C ASP C 82 -5.43 22.13 -1.25
N SER C 83 -5.30 21.18 -2.15
CA SER C 83 -4.02 20.74 -2.72
C SER C 83 -3.06 20.19 -1.68
N ARG C 84 -3.57 19.78 -0.51
CA ARG C 84 -2.73 19.21 0.52
C ARG C 84 -3.15 17.80 0.93
N LEU C 85 -4.44 17.56 1.09
CA LEU C 85 -4.91 16.27 1.58
C LEU C 85 -5.20 15.32 0.42
N LEU C 86 -4.89 14.05 0.63
CA LEU C 86 -5.16 13.00 -0.34
C LEU C 86 -6.13 11.98 0.23
N VAL C 87 -6.91 11.37 -0.65
CA VAL C 87 -7.61 10.14 -0.35
C VAL C 87 -7.07 9.09 -1.30
N SER C 88 -6.84 7.87 -0.81
CA SER C 88 -6.34 6.79 -1.64
C SER C 88 -6.98 5.50 -1.19
N ALA C 89 -7.55 4.75 -2.13
CA ALA C 89 -8.30 3.54 -1.85
C ALA C 89 -7.55 2.34 -2.36
N SER C 90 -7.44 1.30 -1.53
CA SER C 90 -6.74 0.09 -1.92
C SER C 90 -7.50 -1.13 -1.47
N GLN C 91 -7.36 -2.18 -2.25
CA GLN C 91 -8.01 -3.47 -2.05
C GLN C 91 -7.42 -4.27 -0.91
N ASP C 92 -6.52 -3.67 -0.13
CA ASP C 92 -6.37 -4.04 1.26
C ASP C 92 -7.70 -3.97 2.00
N GLY C 93 -8.65 -3.20 1.48
CA GLY C 93 -9.88 -2.92 2.16
C GLY C 93 -9.88 -1.58 2.85
N LYS C 94 -8.97 -0.69 2.48
CA LYS C 94 -8.73 0.49 3.29
C LYS C 94 -8.70 1.74 2.43
N LEU C 95 -9.27 2.81 2.96
CA LEU C 95 -9.29 4.10 2.31
C LEU C 95 -8.58 5.08 3.24
N ILE C 96 -7.37 5.48 2.87
CA ILE C 96 -6.51 6.26 3.75
C ILE C 96 -6.53 7.71 3.27
N ILE C 97 -6.66 8.63 4.22
CA ILE C 97 -6.62 10.07 3.94
C ILE C 97 -5.32 10.58 4.51
N TRP C 98 -4.43 11.01 3.62
CA TRP C 98 -3.08 11.44 3.93
C TRP C 98 -2.98 12.96 3.97
N ASP C 99 -2.00 13.43 4.73
CA ASP C 99 -1.54 14.82 4.68
C ASP C 99 -0.25 14.81 3.89
N SER C 100 -0.32 15.24 2.62
CA SER C 100 0.78 15.03 1.70
C SER C 100 2.00 15.88 2.01
N TYR C 101 1.86 16.92 2.83
CA TYR C 101 3.04 17.73 3.15
C TYR C 101 3.95 17.02 4.15
N THR C 102 3.38 16.27 5.09
CA THR C 102 4.16 15.61 6.13
C THR C 102 3.99 14.10 6.14
N THR C 103 3.31 13.54 5.13
CA THR C 103 3.06 12.10 4.99
C THR C 103 2.29 11.51 6.16
N ASN C 104 1.62 12.33 6.96
CA ASN C 104 0.82 11.80 8.05
C ASN C 104 -0.48 11.23 7.54
N LYS C 105 -0.90 10.11 8.13
CA LYS C 105 -2.21 9.53 7.83
C LYS C 105 -3.24 10.22 8.69
N VAL C 106 -3.99 11.15 8.09
CA VAL C 106 -5.02 11.85 8.85
C VAL C 106 -6.13 10.89 9.23
N HIS C 107 -6.60 10.09 8.28
CA HIS C 107 -7.68 9.16 8.56
C HIS C 107 -7.39 7.81 7.91
N ALA C 108 -8.01 6.77 8.45
CA ALA C 108 -7.99 5.45 7.84
C ALA C 108 -9.37 4.86 8.00
N ILE C 109 -10.05 4.61 6.88
CA ILE C 109 -11.45 4.19 6.87
C ILE C 109 -11.51 2.75 6.41
N PRO C 110 -12.15 1.85 7.16
CA PRO C 110 -12.31 0.47 6.72
C PRO C 110 -13.58 0.32 5.89
N LEU C 111 -13.44 -0.29 4.71
CA LEU C 111 -14.57 -0.48 3.82
C LEU C 111 -15.29 -1.78 4.15
N ARG C 112 -16.59 -1.81 3.89
CA ARG C 112 -17.36 -3.02 4.09
C ARG C 112 -17.12 -4.04 2.99
N SER C 113 -16.61 -3.61 1.84
CA SER C 113 -16.28 -4.51 0.73
C SER C 113 -14.93 -4.08 0.18
N SER C 114 -13.94 -4.95 0.30
CA SER C 114 -12.57 -4.60 -0.03
C SER C 114 -12.31 -4.44 -1.52
N TRP C 115 -13.30 -4.64 -2.38
CA TRP C 115 -13.06 -4.59 -3.82
C TRP C 115 -13.36 -3.20 -4.39
N VAL C 116 -12.61 -2.23 -3.91
CA VAL C 116 -12.80 -0.84 -4.28
C VAL C 116 -12.00 -0.55 -5.54
N MET C 117 -12.60 0.21 -6.45
CA MET C 117 -11.92 0.63 -7.68
C MET C 117 -11.99 2.13 -7.94
N THR C 118 -12.56 2.91 -7.03
CA THR C 118 -12.62 4.35 -7.23
C THR C 118 -12.76 5.03 -5.88
N CYS C 119 -12.39 6.31 -5.85
CA CYS C 119 -12.60 7.14 -4.69
C CYS C 119 -12.64 8.58 -5.16
N ALA C 120 -13.22 9.44 -4.33
CA ALA C 120 -13.37 10.85 -4.68
C ALA C 120 -13.42 11.65 -3.40
N TYR C 121 -12.76 12.80 -3.41
CA TYR C 121 -12.72 13.69 -2.28
C TYR C 121 -13.61 14.87 -2.61
N ALA C 122 -14.48 15.25 -1.68
CA ALA C 122 -15.44 16.31 -1.95
C ALA C 122 -14.73 17.64 -2.15
N PRO C 123 -15.27 18.52 -2.99
CA PRO C 123 -14.64 19.82 -3.20
C PRO C 123 -14.77 20.77 -2.02
N SER C 124 -15.45 20.37 -0.96
CA SER C 124 -15.46 21.13 0.29
C SER C 124 -14.55 20.53 1.35
N GLY C 125 -14.33 19.22 1.30
CA GLY C 125 -13.52 18.53 2.28
C GLY C 125 -14.28 17.75 3.31
N ASN C 126 -15.61 17.75 3.26
CA ASN C 126 -16.39 17.11 4.30
C ASN C 126 -16.64 15.64 4.03
N TYR C 127 -16.83 15.25 2.77
CA TYR C 127 -17.24 13.89 2.44
C TYR C 127 -16.19 13.21 1.58
N VAL C 128 -16.24 11.88 1.58
CA VAL C 128 -15.36 11.07 0.75
C VAL C 128 -16.18 9.91 0.20
N ALA C 129 -16.15 9.72 -1.11
CA ALA C 129 -16.89 8.63 -1.72
C ALA C 129 -15.95 7.50 -2.12
N CYS C 130 -16.50 6.30 -2.23
CA CYS C 130 -15.77 5.18 -2.83
C CYS C 130 -16.78 4.20 -3.39
N GLY C 131 -16.27 3.15 -4.01
CA GLY C 131 -17.11 2.14 -4.59
C GLY C 131 -16.28 1.19 -5.42
N GLY C 132 -16.91 0.12 -5.86
CA GLY C 132 -16.17 -0.87 -6.61
C GLY C 132 -16.99 -2.05 -7.06
N LEU C 133 -16.46 -3.27 -6.88
CA LEU C 133 -17.13 -4.45 -7.39
C LEU C 133 -18.23 -4.91 -6.46
N ASP C 134 -19.08 -3.98 -6.04
CA ASP C 134 -20.30 -4.31 -5.32
C ASP C 134 -21.45 -3.41 -5.72
N ASN C 135 -21.26 -2.56 -6.73
CA ASN C 135 -22.29 -1.73 -7.34
C ASN C 135 -22.89 -0.73 -6.36
N ILE C 136 -22.14 -0.34 -5.34
CA ILE C 136 -22.62 0.52 -4.27
C ILE C 136 -21.61 1.63 -4.04
N CYS C 137 -22.06 2.87 -4.09
CA CYS C 137 -21.21 4.03 -3.82
C CYS C 137 -21.39 4.44 -2.37
N SER C 138 -20.33 4.32 -1.58
CA SER C 138 -20.38 4.66 -0.16
C SER C 138 -19.91 6.09 0.04
N ILE C 139 -20.72 6.89 0.73
CA ILE C 139 -20.41 8.27 1.07
C ILE C 139 -20.08 8.29 2.56
N TYR C 140 -18.83 8.60 2.89
CA TYR C 140 -18.36 8.72 4.26
C TYR C 140 -18.29 10.18 4.67
N ASN C 141 -18.74 10.46 5.89
CA ASN C 141 -18.68 11.79 6.47
C ASN C 141 -17.41 11.90 7.29
N LEU C 142 -16.59 12.92 7.02
CA LEU C 142 -15.32 13.05 7.72
C LEU C 142 -15.43 13.88 8.98
N LYS C 143 -16.21 14.96 8.94
CA LYS C 143 -16.24 15.93 10.04
C LYS C 143 -17.52 15.69 10.84
N THR C 144 -17.46 14.75 11.76
CA THR C 144 -18.54 14.46 12.69
C THR C 144 -18.16 14.92 14.08
N ARG C 145 -19.16 15.04 14.95
CA ARG C 145 -18.92 15.48 16.31
C ARG C 145 -18.30 14.38 17.16
N GLU C 146 -18.41 13.12 16.75
CA GLU C 146 -17.83 12.02 17.52
C GLU C 146 -16.38 11.77 17.18
N GLY C 147 -15.78 12.52 16.25
CA GLY C 147 -14.43 12.26 15.82
C GLY C 147 -14.25 11.01 15.01
N ASN C 148 -15.28 10.20 14.83
CA ASN C 148 -15.25 8.98 14.06
C ASN C 148 -15.58 9.32 12.61
N VAL C 149 -15.53 8.30 11.74
CA VAL C 149 -15.85 8.48 10.32
C VAL C 149 -16.95 7.49 9.98
N ARG C 150 -18.18 7.98 9.89
CA ARG C 150 -19.32 7.11 9.64
C ARG C 150 -19.64 7.05 8.15
N VAL C 151 -20.42 6.03 7.78
CA VAL C 151 -20.95 5.90 6.42
C VAL C 151 -22.19 6.79 6.35
N SER C 152 -22.05 7.96 5.73
CA SER C 152 -23.18 8.87 5.64
C SER C 152 -24.26 8.33 4.72
N ARG C 153 -23.89 7.58 3.69
CA ARG C 153 -24.88 7.09 2.73
C ARG C 153 -24.32 5.90 1.97
N GLU C 154 -25.21 5.05 1.47
CA GLU C 154 -24.84 3.95 0.59
C GLU C 154 -25.77 3.98 -0.62
N LEU C 155 -25.31 4.64 -1.68
CA LEU C 155 -26.09 4.79 -2.91
C LEU C 155 -26.04 3.47 -3.68
N ALA C 156 -27.20 2.84 -3.85
CA ALA C 156 -27.32 1.61 -4.61
C ALA C 156 -28.31 1.80 -5.74
N GLY C 157 -28.20 0.93 -6.75
CA GLY C 157 -29.03 1.07 -7.93
C GLY C 157 -28.33 0.70 -9.22
N HIS C 158 -27.00 0.82 -9.23
CA HIS C 158 -26.25 0.34 -10.38
C HIS C 158 -26.26 -1.17 -10.42
N THR C 159 -26.13 -1.73 -11.61
CA THR C 159 -26.13 -3.18 -11.80
C THR C 159 -24.81 -3.72 -12.29
N GLY C 160 -23.77 -2.88 -12.36
CA GLY C 160 -22.44 -3.34 -12.68
C GLY C 160 -21.43 -2.71 -11.74
N TYR C 161 -20.17 -3.11 -11.91
CA TYR C 161 -19.10 -2.55 -11.09
C TYR C 161 -19.02 -1.05 -11.30
N LEU C 162 -18.85 -0.32 -10.20
CA LEU C 162 -18.85 1.14 -10.24
C LEU C 162 -17.42 1.62 -10.49
N SER C 163 -17.16 2.14 -11.69
CA SER C 163 -15.80 2.33 -12.14
C SER C 163 -15.21 3.68 -11.75
N CYS C 164 -16.02 4.74 -11.78
CA CYS C 164 -15.52 6.07 -11.42
C CYS C 164 -16.58 6.79 -10.62
N CYS C 165 -16.18 7.92 -10.04
CA CYS C 165 -17.00 8.59 -9.03
C CYS C 165 -16.46 9.99 -8.83
N ARG C 166 -17.32 11.00 -8.92
CA ARG C 166 -16.88 12.38 -8.79
C ARG C 166 -17.94 13.18 -8.05
N PHE C 167 -17.51 13.99 -7.08
CA PHE C 167 -18.43 14.87 -6.36
C PHE C 167 -18.73 16.10 -7.18
N LEU C 168 -20.00 16.29 -7.50
CA LEU C 168 -20.44 17.51 -8.15
C LEU C 168 -20.54 18.65 -7.15
N ASP C 169 -20.85 18.33 -5.90
CA ASP C 169 -21.15 19.25 -4.82
C ASP C 169 -21.27 18.38 -3.57
N ASP C 170 -21.43 19.00 -2.40
CA ASP C 170 -21.62 18.21 -1.19
C ASP C 170 -22.94 17.43 -1.17
N ASN C 171 -23.85 17.70 -2.09
CA ASN C 171 -25.13 17.01 -2.11
C ASN C 171 -25.35 16.15 -3.34
N GLN C 172 -24.70 16.46 -4.45
CA GLN C 172 -24.88 15.73 -5.70
C GLN C 172 -23.58 15.02 -6.06
N ILE C 173 -23.71 13.81 -6.61
CA ILE C 173 -22.55 13.03 -7.01
C ILE C 173 -22.84 12.43 -8.38
N VAL C 174 -21.78 12.21 -9.16
CA VAL C 174 -21.90 11.64 -10.49
C VAL C 174 -21.11 10.34 -10.51
N THR C 175 -21.80 9.22 -10.67
CA THR C 175 -21.15 7.93 -10.75
C THR C 175 -21.25 7.39 -12.17
N SER C 176 -20.39 6.42 -12.47
CA SER C 176 -20.41 5.75 -13.77
C SER C 176 -20.08 4.28 -13.54
N SER C 177 -20.96 3.39 -13.98
CA SER C 177 -20.77 1.99 -13.65
C SER C 177 -20.53 1.16 -14.90
N GLY C 178 -20.23 -0.12 -14.67
CA GLY C 178 -19.96 -1.04 -15.73
C GLY C 178 -21.17 -1.67 -16.38
N ASP C 179 -22.37 -1.15 -16.13
CA ASP C 179 -23.55 -1.57 -16.86
C ASP C 179 -23.94 -0.56 -17.94
N THR C 180 -22.94 0.04 -18.57
CA THR C 180 -23.09 0.91 -19.74
C THR C 180 -23.94 2.14 -19.42
N THR C 181 -23.75 2.72 -18.24
CA THR C 181 -24.54 3.88 -17.87
C THR C 181 -23.82 4.70 -16.80
N CYS C 182 -24.15 5.98 -16.76
CA CYS C 182 -23.75 6.87 -15.67
C CYS C 182 -25.01 7.38 -14.98
N ALA C 183 -24.83 7.92 -13.78
CA ALA C 183 -25.98 8.38 -13.01
C ALA C 183 -25.59 9.60 -12.19
N LEU C 184 -26.58 10.41 -11.86
CA LEU C 184 -26.41 11.58 -11.02
C LEU C 184 -27.27 11.39 -9.78
N TRP C 185 -26.64 11.14 -8.65
CA TRP C 185 -27.33 10.86 -7.41
C TRP C 185 -27.45 12.11 -6.56
N ASP C 186 -28.58 12.22 -5.87
CA ASP C 186 -28.77 13.19 -4.79
C ASP C 186 -28.47 12.45 -3.48
N ILE C 187 -27.40 12.84 -2.80
CA ILE C 187 -26.90 12.07 -1.66
C ILE C 187 -27.89 12.13 -0.51
N GLU C 188 -28.56 13.27 -0.33
CA GLU C 188 -29.44 13.44 0.82
C GLU C 188 -30.61 12.48 0.81
N THR C 189 -31.10 12.11 -0.37
CA THR C 189 -32.17 11.12 -0.49
C THR C 189 -31.66 9.76 -0.93
N GLY C 190 -30.75 9.71 -1.89
CA GLY C 190 -30.20 8.47 -2.37
C GLY C 190 -30.82 7.93 -3.63
N GLN C 191 -31.41 8.78 -4.46
CA GLN C 191 -32.10 8.36 -5.67
C GLN C 191 -31.43 8.96 -6.90
N GLN C 192 -31.38 8.19 -7.98
CA GLN C 192 -30.85 8.70 -9.25
C GLN C 192 -31.79 9.75 -9.79
N THR C 193 -31.38 11.02 -9.76
CA THR C 193 -32.19 12.06 -10.34
C THR C 193 -32.04 12.14 -11.85
N THR C 194 -31.01 11.53 -12.40
CA THR C 194 -30.78 11.50 -13.84
C THR C 194 -29.94 10.28 -14.16
N THR C 195 -30.32 9.57 -15.23
CA THR C 195 -29.57 8.39 -15.67
C THR C 195 -29.10 8.64 -17.10
N PHE C 196 -27.80 8.84 -17.25
CA PHE C 196 -27.21 9.06 -18.56
C PHE C 196 -26.96 7.71 -19.21
N THR C 197 -27.75 7.39 -20.24
CA THR C 197 -27.59 6.18 -21.01
C THR C 197 -27.32 6.53 -22.46
N GLY C 198 -26.79 5.56 -23.20
CA GLY C 198 -26.41 5.80 -24.57
C GLY C 198 -25.13 5.08 -24.94
N HIS C 199 -24.30 4.80 -23.94
CA HIS C 199 -23.13 3.98 -24.17
C HIS C 199 -23.53 2.54 -24.43
N THR C 200 -22.65 1.81 -25.12
CA THR C 200 -22.87 0.40 -25.36
C THR C 200 -21.86 -0.50 -24.67
N GLY C 201 -20.68 0.02 -24.32
CA GLY C 201 -19.71 -0.70 -23.55
C GLY C 201 -19.63 -0.18 -22.13
N ASP C 202 -18.75 -0.81 -21.35
CA ASP C 202 -18.63 -0.45 -19.94
C ASP C 202 -18.00 0.93 -19.79
N VAL C 203 -18.64 1.79 -19.02
CA VAL C 203 -18.11 3.13 -18.78
C VAL C 203 -16.98 3.01 -17.75
N MET C 204 -15.86 3.67 -18.03
CA MET C 204 -14.66 3.49 -17.22
C MET C 204 -14.14 4.75 -16.56
N SER C 205 -14.54 5.94 -17.00
CA SER C 205 -13.98 7.15 -16.42
C SER C 205 -14.93 8.31 -16.58
N LEU C 206 -14.87 9.24 -15.63
CA LEU C 206 -15.60 10.49 -15.66
C LEU C 206 -14.61 11.65 -15.60
N SER C 207 -15.10 12.82 -15.98
CA SER C 207 -14.33 14.04 -15.77
C SER C 207 -15.31 15.21 -15.82
N LEU C 208 -15.59 15.83 -14.68
CA LEU C 208 -16.47 16.98 -14.64
C LEU C 208 -15.79 18.18 -15.24
N ALA C 209 -16.56 19.04 -15.89
CA ALA C 209 -16.03 20.29 -16.40
C ALA C 209 -15.66 21.21 -15.24
N PRO C 210 -14.74 22.15 -15.46
CA PRO C 210 -14.45 23.13 -14.41
C PRO C 210 -15.66 23.98 -14.04
N ASP C 211 -16.51 24.31 -15.00
CA ASP C 211 -17.76 25.00 -14.72
C ASP C 211 -18.87 24.06 -14.28
N THR C 212 -18.53 22.77 -14.06
CA THR C 212 -19.38 21.74 -13.42
C THR C 212 -20.79 21.64 -14.02
N ARG C 213 -20.95 22.03 -15.28
CA ARG C 213 -22.22 21.86 -15.98
C ARG C 213 -22.18 20.85 -17.10
N LEU C 214 -21.00 20.34 -17.45
CA LEU C 214 -20.84 19.30 -18.46
C LEU C 214 -19.93 18.23 -17.89
N PHE C 215 -20.05 17.01 -18.40
CA PHE C 215 -19.05 16.02 -18.05
C PHE C 215 -18.95 14.98 -19.15
N VAL C 216 -17.75 14.43 -19.32
CA VAL C 216 -17.45 13.46 -20.35
C VAL C 216 -17.22 12.10 -19.73
N SER C 217 -17.59 11.06 -20.45
CA SER C 217 -17.44 9.69 -19.99
C SER C 217 -16.94 8.83 -21.12
N GLY C 218 -15.94 7.98 -20.85
CA GLY C 218 -15.35 7.13 -21.86
C GLY C 218 -15.68 5.67 -21.60
N ALA C 219 -16.13 4.99 -22.64
CA ALA C 219 -16.59 3.62 -22.47
C ALA C 219 -15.52 2.63 -22.91
N CYS C 220 -15.84 1.34 -22.74
CA CYS C 220 -15.09 0.28 -23.39
C CYS C 220 -15.68 0.08 -24.78
N ASP C 221 -15.81 1.17 -25.52
CA ASP C 221 -16.42 1.17 -26.83
C ASP C 221 -15.62 2.03 -27.80
N ALA C 222 -14.41 2.45 -27.41
CA ALA C 222 -13.59 3.40 -28.16
C ALA C 222 -14.36 4.69 -28.42
N SER C 223 -15.19 5.08 -27.47
CA SER C 223 -16.03 6.27 -27.62
C SER C 223 -16.12 7.01 -26.31
N ALA C 224 -15.91 8.31 -26.39
CA ALA C 224 -16.16 9.22 -25.28
C ALA C 224 -17.41 10.04 -25.62
N LYS C 225 -18.13 10.44 -24.59
CA LYS C 225 -19.37 11.19 -24.79
C LYS C 225 -19.39 12.38 -23.85
N LEU C 226 -19.76 13.54 -24.39
CA LEU C 226 -19.97 14.74 -23.61
C LEU C 226 -21.46 14.85 -23.30
N TRP C 227 -21.80 14.72 -22.02
CA TRP C 227 -23.14 14.84 -21.49
C TRP C 227 -23.34 16.19 -20.82
N ASP C 228 -24.55 16.72 -20.94
CA ASP C 228 -24.99 17.87 -20.17
C ASP C 228 -25.58 17.36 -18.87
N VAL C 229 -25.00 17.76 -17.73
CA VAL C 229 -25.42 17.21 -16.45
C VAL C 229 -26.78 17.74 -16.04
N ARG C 230 -27.24 18.84 -16.65
CA ARG C 230 -28.52 19.43 -16.27
C ARG C 230 -29.69 18.67 -16.85
N GLU C 231 -29.71 18.52 -18.17
CA GLU C 231 -30.86 17.91 -18.84
C GLU C 231 -30.77 16.39 -18.83
N GLY C 232 -29.60 15.83 -19.10
CA GLY C 232 -29.45 14.39 -19.12
C GLY C 232 -29.40 13.84 -20.53
N MET C 233 -28.90 14.65 -21.45
CA MET C 233 -28.86 14.31 -22.86
C MET C 233 -27.41 14.29 -23.33
N CYS C 234 -27.07 13.26 -24.10
CA CYS C 234 -25.72 13.16 -24.66
C CYS C 234 -25.54 14.27 -25.69
N ARG C 235 -24.78 15.30 -25.33
CA ARG C 235 -24.55 16.41 -26.25
C ARG C 235 -23.73 15.97 -27.45
N GLN C 236 -22.57 15.36 -27.21
CA GLN C 236 -21.68 15.04 -28.32
C GLN C 236 -21.04 13.67 -28.11
N THR C 237 -20.59 13.08 -29.22
CA THR C 237 -19.98 11.75 -29.21
C THR C 237 -18.69 11.81 -30.02
N PHE C 238 -17.59 11.40 -29.40
CA PHE C 238 -16.28 11.39 -30.03
C PHE C 238 -15.78 9.95 -30.15
N THR C 239 -15.38 9.59 -31.37
CA THR C 239 -14.76 8.30 -31.64
C THR C 239 -13.37 8.53 -32.19
N GLY C 240 -12.63 7.44 -32.41
CA GLY C 240 -11.31 7.55 -32.97
C GLY C 240 -10.32 6.59 -32.38
N HIS C 241 -10.56 6.15 -31.14
CA HIS C 241 -9.71 5.14 -30.54
C HIS C 241 -9.99 3.79 -31.18
N GLU C 242 -9.10 2.83 -30.93
CA GLU C 242 -9.24 1.49 -31.46
C GLU C 242 -9.50 0.45 -30.39
N SER C 243 -9.52 0.83 -29.11
CA SER C 243 -9.74 -0.11 -28.03
C SER C 243 -10.45 0.62 -26.91
N ASP C 244 -10.44 0.02 -25.72
CA ASP C 244 -11.15 0.58 -24.58
C ASP C 244 -10.53 1.89 -24.16
N ILE C 245 -11.35 2.77 -23.60
CA ILE C 245 -10.90 4.05 -23.05
C ILE C 245 -10.87 3.94 -21.54
N ASN C 246 -9.71 4.18 -20.93
CA ASN C 246 -9.55 3.97 -19.51
C ASN C 246 -9.49 5.24 -18.68
N ALA C 247 -9.26 6.40 -19.29
CA ALA C 247 -9.11 7.62 -18.50
C ALA C 247 -9.43 8.82 -19.36
N ILE C 248 -10.12 9.80 -18.77
CA ILE C 248 -10.40 11.08 -19.41
C ILE C 248 -10.12 12.19 -18.41
N CYS C 249 -9.62 13.33 -18.91
CA CYS C 249 -9.51 14.53 -18.12
C CYS C 249 -9.80 15.74 -18.99
N PHE C 250 -10.57 16.70 -18.47
CA PHE C 250 -10.81 17.95 -19.17
C PHE C 250 -9.56 18.82 -19.21
N PHE C 251 -9.43 19.56 -20.30
CA PHE C 251 -8.49 20.67 -20.37
C PHE C 251 -8.96 21.75 -19.39
N PRO C 252 -8.02 22.49 -18.77
CA PRO C 252 -8.40 23.43 -17.71
C PRO C 252 -9.45 24.48 -18.04
N ASN C 253 -9.64 24.84 -19.32
CA ASN C 253 -10.68 25.79 -19.64
C ASN C 253 -12.01 25.14 -19.98
N GLY C 254 -12.05 23.81 -20.10
CA GLY C 254 -13.29 23.13 -20.40
C GLY C 254 -13.70 23.11 -21.84
N ASN C 255 -12.75 23.28 -22.77
CA ASN C 255 -13.05 23.25 -24.20
C ASN C 255 -12.23 22.21 -24.94
N ALA C 256 -11.70 21.22 -24.23
CA ALA C 256 -10.95 20.13 -24.80
C ALA C 256 -10.79 19.07 -23.73
N PHE C 257 -10.50 17.85 -24.16
CA PHE C 257 -10.20 16.81 -23.18
C PHE C 257 -9.36 15.73 -23.82
N ALA C 258 -8.56 15.07 -23.00
CA ALA C 258 -7.65 14.02 -23.45
C ALA C 258 -8.12 12.69 -22.91
N THR C 259 -8.22 11.70 -23.78
CA THR C 259 -8.61 10.35 -23.41
C THR C 259 -7.42 9.43 -23.61
N GLY C 260 -7.13 8.61 -22.61
CA GLY C 260 -6.11 7.58 -22.72
C GLY C 260 -6.80 6.25 -22.96
N SER C 261 -6.33 5.52 -23.96
CA SER C 261 -7.01 4.31 -24.35
C SER C 261 -6.14 3.10 -24.07
N ASP C 262 -6.67 1.93 -24.38
CA ASP C 262 -5.98 0.68 -24.11
C ASP C 262 -5.05 0.30 -25.26
N ASP C 263 -5.04 1.06 -26.35
CA ASP C 263 -4.11 0.81 -27.45
C ASP C 263 -2.88 1.72 -27.41
N ALA C 264 -2.43 2.09 -26.21
CA ALA C 264 -1.22 2.88 -25.99
C ALA C 264 -1.29 4.23 -26.71
N THR C 265 -2.42 4.91 -26.59
CA THR C 265 -2.62 6.17 -27.29
C THR C 265 -3.44 7.12 -26.44
N CYS C 266 -2.92 8.33 -26.25
CA CYS C 266 -3.73 9.42 -25.77
C CYS C 266 -4.25 10.20 -26.97
N ARG C 267 -5.42 10.81 -26.82
CA ARG C 267 -5.95 11.64 -27.88
C ARG C 267 -6.58 12.88 -27.28
N LEU C 268 -6.23 14.03 -27.81
CA LEU C 268 -6.83 15.30 -27.42
C LEU C 268 -7.94 15.60 -28.41
N PHE C 269 -9.18 15.61 -27.90
CA PHE C 269 -10.36 16.01 -28.63
C PHE C 269 -10.76 17.41 -28.22
N ASP C 270 -11.45 18.11 -29.12
CA ASP C 270 -11.94 19.45 -28.86
C ASP C 270 -13.47 19.44 -28.81
N LEU C 271 -14.03 20.35 -28.01
CA LEU C 271 -15.47 20.38 -27.84
C LEU C 271 -16.15 21.24 -28.89
N ARG C 272 -15.61 22.43 -29.16
CA ARG C 272 -16.24 23.31 -30.13
C ARG C 272 -15.94 22.86 -31.56
N ALA C 273 -14.72 22.40 -31.82
CA ALA C 273 -14.39 21.90 -33.14
C ALA C 273 -14.98 20.51 -33.39
N ASP C 274 -15.34 19.80 -32.32
CA ASP C 274 -16.02 18.51 -32.35
C ASP C 274 -15.18 17.39 -32.95
N GLN C 275 -13.87 17.60 -33.13
CA GLN C 275 -13.01 16.62 -33.75
C GLN C 275 -11.89 16.22 -32.82
N GLU C 276 -11.22 15.13 -33.17
CA GLU C 276 -9.96 14.79 -32.54
C GLU C 276 -8.90 15.78 -32.98
N LEU C 277 -8.20 16.38 -32.03
CA LEU C 277 -7.19 17.37 -32.36
C LEU C 277 -5.79 16.78 -32.47
N MET C 278 -5.39 15.95 -31.52
CA MET C 278 -4.00 15.51 -31.45
C MET C 278 -3.94 14.05 -31.01
N THR C 279 -2.91 13.36 -31.47
CA THR C 279 -2.67 11.96 -31.13
C THR C 279 -1.31 11.82 -30.48
N TYR C 280 -1.29 11.44 -29.20
CA TYR C 280 -0.07 11.21 -28.45
C TYR C 280 0.21 9.71 -28.45
N SER C 281 1.22 9.30 -29.22
CA SER C 281 1.61 7.91 -29.30
C SER C 281 3.09 7.84 -29.59
N HIS C 282 3.71 6.75 -29.15
CA HIS C 282 5.13 6.51 -29.37
C HIS C 282 5.31 5.06 -29.76
N ASP C 283 6.22 4.81 -30.70
CA ASP C 283 6.34 3.48 -31.29
C ASP C 283 6.89 2.46 -30.29
N ASN C 284 7.65 2.91 -29.30
CA ASN C 284 8.21 2.03 -28.29
C ASN C 284 7.23 1.75 -27.15
N ILE C 285 5.98 2.21 -27.28
CA ILE C 285 4.98 2.07 -26.22
C ILE C 285 3.81 1.29 -26.78
N ILE C 286 3.55 0.11 -26.21
CA ILE C 286 2.45 -0.72 -26.66
C ILE C 286 1.59 -1.12 -25.48
N CYS C 287 1.85 -0.51 -24.32
CA CYS C 287 1.12 -0.84 -23.10
C CYS C 287 -0.09 0.07 -22.95
N GLY C 288 -1.15 -0.47 -22.36
CA GLY C 288 -2.36 0.30 -22.18
C GLY C 288 -2.19 1.43 -21.19
N ILE C 289 -2.98 2.48 -21.38
CA ILE C 289 -2.94 3.66 -20.53
C ILE C 289 -4.02 3.54 -19.48
N THR C 290 -3.70 3.95 -18.24
CA THR C 290 -4.63 3.84 -17.14
C THR C 290 -5.04 5.16 -16.52
N SER C 291 -4.30 6.24 -16.77
CA SER C 291 -4.55 7.51 -16.09
C SER C 291 -4.10 8.65 -16.97
N VAL C 292 -4.91 9.71 -17.03
CA VAL C 292 -4.59 10.91 -17.78
C VAL C 292 -4.92 12.11 -16.90
N SER C 293 -4.05 13.13 -16.91
CA SER C 293 -4.31 14.36 -16.18
C SER C 293 -3.46 15.47 -16.75
N PHE C 294 -4.07 16.62 -17.00
CA PHE C 294 -3.35 17.78 -17.49
C PHE C 294 -2.63 18.48 -16.34
N SER C 295 -1.69 19.34 -16.71
CA SER C 295 -1.11 20.25 -15.73
C SER C 295 -2.06 21.42 -15.50
N LYS C 296 -1.63 22.36 -14.65
CA LYS C 296 -2.50 23.48 -14.30
C LYS C 296 -2.71 24.39 -15.51
N SER C 297 -1.67 24.65 -16.28
CA SER C 297 -1.81 25.49 -17.46
C SER C 297 -2.28 24.71 -18.68
N GLY C 298 -2.32 23.39 -18.61
CA GLY C 298 -2.71 22.58 -19.74
C GLY C 298 -1.63 22.33 -20.76
N ARG C 299 -0.39 22.74 -20.47
CA ARG C 299 0.69 22.54 -21.41
C ARG C 299 1.26 21.13 -21.33
N LEU C 300 1.14 20.48 -20.18
CA LEU C 300 1.64 19.13 -20.01
C LEU C 300 0.47 18.16 -19.94
N LEU C 301 0.64 16.98 -20.50
CA LEU C 301 -0.31 15.89 -20.38
C LEU C 301 0.41 14.72 -19.74
N LEU C 302 0.08 14.42 -18.50
CA LEU C 302 0.69 13.31 -17.79
C LEU C 302 -0.16 12.07 -17.99
N ALA C 303 0.46 10.98 -18.41
CA ALA C 303 -0.26 9.75 -18.71
C ALA C 303 0.42 8.59 -18.01
N GLY C 304 -0.33 7.85 -17.20
CA GLY C 304 0.20 6.66 -16.54
C GLY C 304 -0.01 5.44 -17.40
N TYR C 305 1.03 4.65 -17.58
CA TYR C 305 1.01 3.52 -18.50
C TYR C 305 1.07 2.22 -17.72
N ASP C 306 1.04 1.12 -18.47
CA ASP C 306 1.17 -0.22 -17.87
C ASP C 306 2.62 -0.67 -17.78
N ASP C 307 3.56 0.01 -18.42
CA ASP C 307 4.96 -0.35 -18.35
C ASP C 307 5.68 0.30 -17.17
N PHE C 308 4.93 0.61 -16.11
CA PHE C 308 5.45 0.95 -14.78
C PHE C 308 6.07 2.35 -14.75
N ASN C 309 5.56 3.25 -15.59
CA ASN C 309 6.04 4.63 -15.55
C ASN C 309 4.99 5.54 -16.18
N CYS C 310 5.15 6.83 -15.95
CA CYS C 310 4.21 7.85 -16.44
C CYS C 310 4.94 8.78 -17.38
N ASN C 311 4.43 8.92 -18.59
CA ASN C 311 5.06 9.80 -19.56
C ASN C 311 4.40 11.16 -19.56
N VAL C 312 5.22 12.21 -19.68
CA VAL C 312 4.77 13.58 -19.65
C VAL C 312 4.95 14.14 -21.06
N TRP C 313 3.83 14.37 -21.74
CA TRP C 313 3.82 14.84 -23.12
C TRP C 313 3.62 16.33 -23.19
N ASP C 314 4.31 16.97 -24.12
CA ASP C 314 4.05 18.36 -24.47
C ASP C 314 2.72 18.39 -25.22
N ALA C 315 1.67 18.86 -24.54
CA ALA C 315 0.32 18.71 -25.04
C ALA C 315 0.06 19.50 -26.32
N LEU C 316 0.92 20.43 -26.69
CA LEU C 316 0.72 21.22 -27.90
C LEU C 316 1.59 20.77 -29.06
N LYS C 317 2.49 19.82 -28.87
CA LYS C 317 3.34 19.34 -29.95
C LYS C 317 3.39 17.83 -30.08
N ALA C 318 2.77 17.08 -29.17
CA ALA C 318 2.80 15.62 -29.12
C ALA C 318 4.20 15.05 -28.94
N ASP C 319 5.16 15.87 -28.51
CA ASP C 319 6.45 15.37 -28.10
C ASP C 319 6.33 14.73 -26.73
N ARG C 320 7.36 13.98 -26.34
CA ARG C 320 7.40 13.35 -25.03
C ARG C 320 8.45 14.08 -24.20
N ALA C 321 7.98 14.98 -23.34
CA ALA C 321 8.89 15.89 -22.63
C ALA C 321 9.62 15.17 -21.51
N GLY C 322 8.99 14.20 -20.86
CA GLY C 322 9.67 13.60 -19.73
C GLY C 322 9.10 12.26 -19.35
N VAL C 323 9.77 11.60 -18.41
CA VAL C 323 9.37 10.30 -17.89
C VAL C 323 9.42 10.35 -16.37
N LEU C 324 8.47 9.70 -15.72
CA LEU C 324 8.42 9.52 -14.28
C LEU C 324 8.44 8.02 -14.03
N ALA C 325 9.58 7.48 -13.65
CA ALA C 325 9.82 6.05 -13.71
C ALA C 325 10.25 5.50 -12.35
N GLY C 326 9.51 5.86 -11.31
CA GLY C 326 9.84 5.44 -9.96
C GLY C 326 8.99 4.33 -9.38
N HIS C 327 8.16 3.67 -10.17
CA HIS C 327 7.26 2.65 -9.65
C HIS C 327 7.68 1.27 -10.11
N ASP C 328 7.25 0.26 -9.35
CA ASP C 328 7.62 -1.13 -9.61
C ASP C 328 6.51 -1.93 -10.26
N ASN C 329 5.27 -1.45 -10.21
CA ASN C 329 4.15 -2.17 -10.80
C ASN C 329 3.31 -1.17 -11.59
N ARG C 330 2.22 -1.67 -12.16
CA ARG C 330 1.38 -0.88 -13.06
C ARG C 330 0.86 0.38 -12.36
N VAL C 331 0.91 1.50 -13.07
CA VAL C 331 0.55 2.79 -12.52
C VAL C 331 -0.96 2.96 -12.60
N SER C 332 -1.59 3.11 -11.44
CA SER C 332 -3.02 3.40 -11.33
C SER C 332 -3.21 4.92 -11.34
N CYS C 333 -4.38 5.39 -10.90
CA CYS C 333 -4.83 6.76 -11.09
C CYS C 333 -3.78 7.80 -10.69
N LEU C 334 -3.69 8.85 -11.51
CA LEU C 334 -2.83 9.99 -11.26
C LEU C 334 -3.62 11.12 -10.62
N GLY C 335 -2.90 12.17 -10.24
CA GLY C 335 -3.55 13.38 -9.78
C GLY C 335 -2.64 14.58 -9.83
N VAL C 336 -3.16 15.71 -10.28
CA VAL C 336 -2.43 16.98 -10.26
C VAL C 336 -3.19 17.94 -9.37
N THR C 337 -2.48 18.57 -8.44
CA THR C 337 -3.13 19.43 -7.46
C THR C 337 -3.81 20.62 -8.14
N ASP C 338 -4.78 21.22 -7.44
CA ASP C 338 -5.43 22.40 -7.98
C ASP C 338 -4.49 23.60 -8.02
N ASP C 339 -3.39 23.55 -7.27
CA ASP C 339 -2.34 24.55 -7.40
C ASP C 339 -1.37 24.24 -8.52
N GLY C 340 -1.40 23.03 -9.06
CA GLY C 340 -0.39 22.61 -10.00
C GLY C 340 0.97 22.41 -9.40
N MET C 341 1.06 22.27 -8.08
CA MET C 341 2.36 22.17 -7.43
C MET C 341 2.95 20.79 -7.54
N ALA C 342 2.15 19.73 -7.47
CA ALA C 342 2.69 18.39 -7.37
C ALA C 342 1.86 17.44 -8.20
N VAL C 343 2.44 16.28 -8.47
CA VAL C 343 1.76 15.21 -9.20
C VAL C 343 1.86 13.95 -8.35
N ALA C 344 0.72 13.45 -7.90
CA ALA C 344 0.69 12.23 -7.11
C ALA C 344 0.37 11.06 -8.02
N THR C 345 1.05 9.94 -7.79
CA THR C 345 0.95 8.76 -8.63
C THR C 345 0.79 7.55 -7.73
N GLY C 346 -0.33 6.86 -7.86
CA GLY C 346 -0.55 5.61 -7.17
C GLY C 346 -0.31 4.45 -8.11
N SER C 347 0.08 3.30 -7.55
CA SER C 347 0.36 2.15 -8.38
C SER C 347 0.05 0.88 -7.61
N TRP C 348 0.21 -0.25 -8.27
CA TRP C 348 -0.15 -1.55 -7.71
C TRP C 348 0.88 -2.08 -6.73
N ASP C 349 1.99 -1.38 -6.52
CA ASP C 349 2.98 -1.81 -5.54
C ASP C 349 2.73 -1.21 -4.16
N SER C 350 1.52 -0.71 -3.91
CA SER C 350 1.05 -0.24 -2.61
C SER C 350 1.77 1.01 -2.11
N PHE C 351 2.31 1.83 -3.01
CA PHE C 351 2.98 3.07 -2.64
C PHE C 351 2.39 4.21 -3.45
N LEU C 352 2.15 5.36 -2.80
CA LEU C 352 1.94 6.59 -3.55
C LEU C 352 3.25 7.35 -3.63
N LYS C 353 3.45 8.06 -4.73
CA LYS C 353 4.65 8.87 -4.91
C LYS C 353 4.22 10.26 -5.35
N ILE C 354 4.67 11.27 -4.62
CA ILE C 354 4.34 12.66 -4.91
C ILE C 354 5.58 13.30 -5.51
N TRP C 355 5.48 13.67 -6.78
CA TRP C 355 6.54 14.24 -7.59
C TRP C 355 6.33 15.75 -7.70
N ASN C 356 7.39 16.45 -8.07
CA ASN C 356 7.37 17.89 -8.22
C ASN C 356 8.48 18.32 -9.15
N THR D 6 -41.44 -3.55 -32.89
CA THR D 6 -41.04 -4.49 -31.85
C THR D 6 -40.10 -3.82 -30.85
N ALA D 7 -39.01 -4.50 -30.52
CA ALA D 7 -38.04 -3.95 -29.58
C ALA D 7 -36.97 -3.13 -30.28
N SER D 8 -36.39 -3.69 -31.36
CA SER D 8 -35.27 -3.03 -32.02
C SER D 8 -35.68 -1.76 -32.75
N ILE D 9 -36.96 -1.65 -33.11
CA ILE D 9 -37.44 -0.44 -33.78
C ILE D 9 -37.30 0.77 -32.88
N ALA D 10 -37.62 0.61 -31.59
CA ALA D 10 -37.48 1.72 -30.65
C ALA D 10 -36.01 2.09 -30.45
N GLN D 11 -35.12 1.10 -30.44
CA GLN D 11 -33.70 1.38 -30.31
C GLN D 11 -33.18 2.13 -31.52
N ALA D 12 -33.61 1.73 -32.71
CA ALA D 12 -33.20 2.43 -33.92
C ALA D 12 -33.76 3.85 -33.95
N ARG D 13 -34.99 4.04 -33.45
CA ARG D 13 -35.56 5.37 -33.36
C ARG D 13 -34.76 6.25 -32.40
N LYS D 14 -34.37 5.70 -31.25
CA LYS D 14 -33.55 6.43 -30.30
C LYS D 14 -32.21 6.82 -30.91
N LEU D 15 -31.57 5.89 -31.63
CA LEU D 15 -30.28 6.18 -32.26
C LEU D 15 -30.42 7.26 -33.32
N VAL D 16 -31.48 7.19 -34.14
CA VAL D 16 -31.68 8.18 -35.19
C VAL D 16 -31.97 9.56 -34.58
N GLU D 17 -32.75 9.61 -33.50
CA GLU D 17 -33.02 10.90 -32.87
C GLU D 17 -31.75 11.47 -32.23
N GLN D 18 -30.92 10.61 -31.65
CA GLN D 18 -29.66 11.07 -31.08
C GLN D 18 -28.75 11.64 -32.15
N LEU D 19 -28.66 10.96 -33.29
CA LEU D 19 -27.82 11.45 -34.37
C LEU D 19 -28.40 12.72 -35.00
N LYS D 20 -29.72 12.86 -35.00
CA LYS D 20 -30.33 14.12 -35.42
C LYS D 20 -29.93 15.26 -34.51
N MET D 21 -29.93 15.00 -33.19
CA MET D 21 -29.52 16.04 -32.24
C MET D 21 -28.03 16.36 -32.36
N GLU D 22 -27.20 15.36 -32.69
CA GLU D 22 -25.78 15.60 -32.80
C GLU D 22 -25.36 16.18 -34.15
N ALA D 23 -26.21 16.08 -35.16
CA ALA D 23 -25.83 16.59 -36.48
C ALA D 23 -25.94 18.11 -36.55
N ASN D 24 -26.84 18.70 -35.77
CA ASN D 24 -27.10 20.15 -35.84
C ASN D 24 -26.35 20.84 -34.71
N ILE D 25 -25.05 21.06 -34.94
CA ILE D 25 -24.18 21.76 -34.01
C ILE D 25 -23.26 22.67 -34.82
N ASP D 26 -23.16 23.92 -34.41
CA ASP D 26 -22.27 24.87 -35.08
C ASP D 26 -20.84 24.58 -34.66
N ARG D 27 -20.06 24.01 -35.57
CA ARG D 27 -18.67 23.70 -35.32
C ARG D 27 -17.78 24.81 -35.84
N ILE D 28 -16.86 25.27 -35.01
CA ILE D 28 -15.88 26.27 -35.42
C ILE D 28 -14.71 25.56 -36.08
N LYS D 29 -13.93 26.30 -36.86
CA LYS D 29 -12.79 25.72 -37.54
C LYS D 29 -11.75 25.25 -36.54
N VAL D 30 -10.97 24.26 -36.96
CA VAL D 30 -9.88 23.75 -36.13
C VAL D 30 -8.82 24.82 -35.93
N SER D 31 -8.68 25.74 -36.88
CA SER D 31 -7.76 26.86 -36.72
C SER D 31 -8.09 27.69 -35.50
N LYS D 32 -9.35 28.11 -35.37
CA LYS D 32 -9.73 29.00 -34.27
C LYS D 32 -9.68 28.28 -32.93
N ALA D 33 -10.15 27.03 -32.88
CA ALA D 33 -10.13 26.29 -31.63
C ALA D 33 -8.70 25.99 -31.19
N ALA D 34 -7.83 25.63 -32.14
CA ALA D 34 -6.44 25.40 -31.82
C ALA D 34 -5.75 26.67 -31.36
N ALA D 35 -6.09 27.81 -31.97
CA ALA D 35 -5.51 29.08 -31.55
C ALA D 35 -5.96 29.45 -30.15
N ASP D 36 -7.23 29.18 -29.81
CA ASP D 36 -7.71 29.43 -28.46
C ASP D 36 -7.00 28.54 -27.45
N LEU D 37 -6.81 27.26 -27.80
CA LEU D 37 -6.12 26.35 -26.89
C LEU D 37 -4.68 26.78 -26.68
N MET D 38 -4.00 27.17 -27.75
CA MET D 38 -2.60 27.60 -27.64
C MET D 38 -2.49 28.91 -26.86
N ALA D 39 -3.46 29.81 -27.04
CA ALA D 39 -3.42 31.07 -26.32
C ALA D 39 -3.69 30.87 -24.83
N TYR D 40 -4.55 29.89 -24.50
CA TYR D 40 -4.76 29.59 -23.08
C TYR D 40 -3.52 28.97 -22.47
N CYS D 41 -2.87 28.05 -23.20
CA CYS D 41 -1.63 27.47 -22.71
C CYS D 41 -0.53 28.51 -22.56
N GLU D 42 -0.55 29.55 -23.38
CA GLU D 42 0.48 30.58 -23.32
C GLU D 42 0.22 31.58 -22.21
N ALA D 43 -1.04 32.01 -22.04
CA ALA D 43 -1.34 33.06 -21.07
C ALA D 43 -1.15 32.60 -19.64
N HIS D 44 -1.22 31.29 -19.39
CA HIS D 44 -1.08 30.76 -18.04
C HIS D 44 0.22 29.99 -17.84
N ALA D 45 1.22 30.24 -18.69
CA ALA D 45 2.50 29.55 -18.53
C ALA D 45 3.26 30.06 -17.32
N LYS D 46 3.06 31.32 -16.94
CA LYS D 46 3.77 31.89 -15.80
C LYS D 46 3.26 31.34 -14.48
N GLU D 47 2.10 30.71 -14.47
CA GLU D 47 1.47 30.24 -13.24
C GLU D 47 1.45 28.71 -13.16
N ASP D 48 2.40 28.07 -13.83
CA ASP D 48 2.46 26.61 -13.88
C ASP D 48 3.71 26.13 -13.17
N PRO D 49 3.60 25.55 -11.97
CA PRO D 49 4.81 25.13 -11.25
C PRO D 49 5.50 23.93 -11.85
N LEU D 50 4.77 23.04 -12.53
CA LEU D 50 5.41 21.89 -13.15
C LEU D 50 6.13 22.29 -14.43
N LEU D 51 5.54 23.22 -15.19
CA LEU D 51 6.16 23.68 -16.42
C LEU D 51 7.38 24.53 -16.13
N THR D 52 7.19 25.64 -15.42
CA THR D 52 8.29 26.52 -15.00
C THR D 52 8.61 26.21 -13.55
N PRO D 53 9.74 25.59 -13.24
CA PRO D 53 10.03 25.19 -11.86
C PRO D 53 10.22 26.40 -10.95
N VAL D 54 9.63 26.32 -9.76
CA VAL D 54 9.70 27.38 -8.76
C VAL D 54 10.97 27.18 -7.94
N PRO D 55 11.47 28.22 -7.26
CA PRO D 55 12.62 28.03 -6.37
C PRO D 55 12.26 27.11 -5.20
N ALA D 56 13.29 26.54 -4.59
CA ALA D 56 13.10 25.62 -3.47
C ALA D 56 12.56 26.31 -2.23
N SER D 57 12.49 27.64 -2.20
CA SER D 57 11.91 28.35 -1.07
C SER D 57 10.40 28.38 -1.12
N GLU D 58 9.81 28.29 -2.32
CA GLU D 58 8.37 28.34 -2.46
C GLU D 58 7.73 26.96 -2.50
N ASN D 59 8.48 25.95 -2.93
CA ASN D 59 8.06 24.56 -2.99
C ASN D 59 7.75 24.05 -1.59
N PRO D 60 6.49 23.72 -1.28
CA PRO D 60 6.17 23.20 0.05
C PRO D 60 6.58 21.75 0.25
N PHE D 61 7.06 21.07 -0.78
CA PHE D 61 7.48 19.69 -0.66
C PHE D 61 8.98 19.54 -0.47
N ARG D 62 9.76 20.59 -0.68
CA ARG D 62 11.20 20.53 -0.54
C ARG D 62 11.71 21.06 0.79
N GLU D 63 10.84 21.68 1.60
CA GLU D 63 11.29 22.27 2.86
C GLU D 63 11.68 21.23 3.90
N LYS D 64 11.38 19.95 3.65
CA LYS D 64 11.68 18.84 4.55
C LYS D 64 11.08 19.03 5.93
N VAL E 2 -22.58 13.72 22.69
CA VAL E 2 -21.30 13.98 23.34
C VAL E 2 -21.55 14.41 24.78
N GLN E 3 -20.87 13.75 25.72
CA GLN E 3 -21.10 14.05 27.13
C GLN E 3 -19.89 13.60 27.94
N LEU E 4 -19.41 14.48 28.81
CA LEU E 4 -18.34 14.17 29.76
C LEU E 4 -18.83 14.54 31.14
N VAL E 5 -18.91 13.56 32.03
CA VAL E 5 -19.41 13.78 33.39
C VAL E 5 -18.30 13.43 34.37
N GLU E 6 -17.89 14.39 35.18
CA GLU E 6 -16.87 14.16 36.19
C GLU E 6 -17.51 13.87 37.54
N SER E 7 -16.77 13.15 38.38
CA SER E 7 -17.24 12.80 39.70
C SER E 7 -16.05 12.52 40.59
N GLY E 8 -16.28 12.64 41.89
CA GLY E 8 -15.27 12.39 42.89
C GLY E 8 -14.81 13.60 43.68
N GLY E 9 -15.57 14.68 43.69
CA GLY E 9 -15.16 15.88 44.40
C GLY E 9 -15.37 15.80 45.89
N GLY E 10 -15.76 16.91 46.50
CA GLY E 10 -16.06 16.95 47.90
C GLY E 10 -14.97 17.61 48.73
N LEU E 11 -15.06 17.40 50.04
CA LEU E 11 -14.16 18.02 51.00
C LEU E 11 -13.05 17.05 51.39
N VAL E 12 -11.81 17.52 51.31
CA VAL E 12 -10.65 16.68 51.61
C VAL E 12 -9.75 17.42 52.59
N GLN E 13 -9.13 16.66 53.52
CA GLN E 13 -8.14 17.24 54.42
C GLN E 13 -6.80 17.38 53.72
N PRO E 14 -6.02 18.41 54.07
CA PRO E 14 -4.75 18.62 53.38
C PRO E 14 -3.77 17.48 53.64
N GLY E 15 -3.15 17.00 52.57
CA GLY E 15 -2.27 15.87 52.63
C GLY E 15 -2.93 14.54 52.32
N GLY E 16 -4.23 14.53 52.06
CA GLY E 16 -4.94 13.30 51.78
C GLY E 16 -4.71 12.80 50.37
N SER E 17 -5.75 12.18 49.82
CA SER E 17 -5.70 11.63 48.48
C SER E 17 -7.11 11.54 47.92
N ARG E 18 -7.21 11.59 46.59
CA ARG E 18 -8.50 11.49 45.93
C ARG E 18 -8.30 10.88 44.54
N LYS E 19 -9.43 10.61 43.88
CA LYS E 19 -9.40 10.08 42.52
C LYS E 19 -10.62 10.63 41.78
N LEU E 20 -10.39 11.56 40.87
CA LEU E 20 -11.46 12.07 40.03
C LEU E 20 -11.66 11.18 38.82
N SER E 21 -12.92 10.94 38.46
CA SER E 21 -13.26 10.06 37.35
C SER E 21 -14.14 10.82 36.37
N CYS E 22 -13.75 10.81 35.11
CA CYS E 22 -14.45 11.48 34.01
C CYS E 22 -15.01 10.40 33.11
N SER E 23 -16.32 10.20 33.15
CA SER E 23 -16.99 9.22 32.33
C SER E 23 -17.41 9.89 31.03
N ALA E 24 -17.00 9.29 29.91
CA ALA E 24 -17.31 9.80 28.58
C ALA E 24 -18.41 8.98 27.94
N SER E 25 -19.27 9.62 27.18
CA SER E 25 -20.36 8.93 26.52
C SER E 25 -20.74 9.68 25.26
N GLY E 26 -20.78 8.97 24.13
CA GLY E 26 -21.24 9.53 22.89
C GLY E 26 -20.19 9.97 21.90
N PHE E 27 -18.97 9.45 21.99
CA PHE E 27 -17.96 9.69 20.98
C PHE E 27 -16.89 8.59 21.08
N ALA E 28 -16.03 8.55 20.07
CA ALA E 28 -14.99 7.53 20.00
C ALA E 28 -13.88 7.85 20.98
N PHE E 29 -14.11 7.57 22.27
CA PHE E 29 -13.21 8.01 23.33
C PHE E 29 -11.80 7.49 23.17
N SER E 30 -11.63 6.34 22.52
CA SER E 30 -10.32 5.73 22.41
C SER E 30 -9.38 6.52 21.51
N SER E 31 -9.89 7.47 20.73
CA SER E 31 -9.05 8.20 19.78
C SER E 31 -8.84 9.65 20.17
N PHE E 32 -9.34 10.09 21.31
CA PHE E 32 -9.24 11.49 21.71
C PHE E 32 -8.19 11.64 22.80
N GLY E 33 -7.27 12.58 22.60
CA GLY E 33 -6.47 13.04 23.71
C GLY E 33 -7.33 13.75 24.73
N MET E 34 -6.96 13.62 26.00
CA MET E 34 -7.78 14.18 27.06
C MET E 34 -6.91 15.00 28.00
N HIS E 35 -7.52 16.05 28.54
CA HIS E 35 -6.83 16.97 29.44
C HIS E 35 -7.64 17.13 30.70
N TRP E 36 -6.95 17.41 31.80
CA TRP E 36 -7.56 17.90 33.02
C TRP E 36 -7.12 19.34 33.17
N VAL E 37 -8.09 20.24 33.33
CA VAL E 37 -7.85 21.67 33.46
C VAL E 37 -8.61 22.16 34.69
N ARG E 38 -7.91 22.72 35.66
CA ARG E 38 -8.60 23.15 36.85
C ARG E 38 -8.82 24.66 36.82
N GLN E 39 -9.76 25.11 37.65
CA GLN E 39 -10.05 26.53 37.79
C GLN E 39 -10.23 26.83 39.27
N ALA E 40 -9.40 27.73 39.79
CA ALA E 40 -9.49 28.17 41.16
C ALA E 40 -10.85 28.85 41.41
N PRO E 41 -11.24 29.04 42.68
CA PRO E 41 -12.53 29.70 42.94
C PRO E 41 -12.74 31.04 42.26
N GLU E 42 -11.68 31.82 42.04
CA GLU E 42 -11.83 33.08 41.33
C GLU E 42 -10.73 33.36 40.30
N LYS E 43 -9.65 32.57 40.25
CA LYS E 43 -8.45 33.01 39.57
C LYS E 43 -8.43 32.70 38.08
N GLY E 44 -9.33 31.87 37.58
CA GLY E 44 -9.34 31.53 36.16
C GLY E 44 -8.65 30.21 35.89
N LEU E 45 -8.68 29.82 34.63
CA LEU E 45 -8.30 28.47 34.23
C LEU E 45 -6.79 28.26 34.32
N GLU E 46 -6.39 27.08 34.76
CA GLU E 46 -5.01 26.64 34.79
C GLU E 46 -4.95 25.22 34.28
N TRP E 47 -4.03 24.95 33.36
CA TRP E 47 -3.88 23.60 32.84
C TRP E 47 -3.20 22.71 33.87
N VAL E 48 -3.64 21.46 33.95
CA VAL E 48 -3.13 20.49 34.92
C VAL E 48 -2.39 19.35 34.25
N ALA E 49 -3.09 18.57 33.43
CA ALA E 49 -2.44 17.34 32.98
C ALA E 49 -3.02 16.88 31.66
N TYR E 50 -2.29 16.00 30.98
CA TYR E 50 -2.64 15.59 29.62
C TYR E 50 -2.32 14.12 29.42
N ILE E 51 -3.20 13.43 28.70
CA ILE E 51 -3.03 12.02 28.34
C ILE E 51 -3.34 11.89 26.86
N SER E 52 -2.55 11.07 26.16
CA SER E 52 -2.60 11.04 24.71
C SER E 52 -3.72 10.13 24.21
N SER E 53 -3.68 9.86 22.90
CA SER E 53 -4.76 9.13 22.25
C SER E 53 -4.82 7.69 22.71
N GLY E 54 -3.67 7.03 22.80
CA GLY E 54 -3.64 5.69 23.34
C GLY E 54 -3.33 5.79 24.81
N SER E 55 -2.09 5.47 25.18
CA SER E 55 -1.56 5.82 26.49
C SER E 55 -0.14 6.34 26.32
N GLY E 56 0.06 7.22 25.36
CA GLY E 56 1.38 7.68 24.99
C GLY E 56 1.89 8.75 25.92
N THR E 57 2.36 9.86 25.35
CA THR E 57 2.96 10.93 26.14
C THR E 57 1.97 11.47 27.16
N ILE E 58 2.44 11.60 28.40
CA ILE E 58 1.67 12.15 29.51
C ILE E 58 2.42 13.36 30.02
N TYR E 59 1.80 14.52 29.98
CA TYR E 59 2.42 15.74 30.46
C TYR E 59 1.70 16.25 31.70
N TYR E 60 2.44 16.98 32.53
CA TYR E 60 1.90 17.53 33.77
C TYR E 60 2.38 18.97 33.91
N ALA E 61 1.56 19.78 34.57
CA ALA E 61 2.02 21.09 34.98
C ALA E 61 3.08 20.93 36.06
N ASP E 62 4.08 21.81 36.03
CA ASP E 62 5.20 21.69 36.96
C ASP E 62 4.77 21.84 38.42
N THR E 63 3.64 22.51 38.66
CA THR E 63 3.16 22.66 40.02
C THR E 63 2.47 21.41 40.56
N VAL E 64 2.20 20.42 39.71
CA VAL E 64 1.54 19.19 40.12
C VAL E 64 2.32 17.95 39.71
N LYS E 65 3.55 18.12 39.24
CA LYS E 65 4.34 16.98 38.81
C LYS E 65 4.76 16.14 40.01
N GLY E 66 4.45 14.85 39.96
CA GLY E 66 4.80 13.93 41.02
C GLY E 66 3.64 13.56 41.93
N ARG E 67 2.74 14.50 42.20
CA ARG E 67 1.62 14.24 43.07
C ARG E 67 0.43 13.65 42.33
N PHE E 68 0.21 14.05 41.08
CA PHE E 68 -0.95 13.62 40.32
C PHE E 68 -0.53 12.58 39.29
N THR E 69 -1.48 11.71 38.92
CA THR E 69 -1.25 10.78 37.84
C THR E 69 -2.54 10.50 37.09
N ILE E 70 -2.44 10.36 35.76
CA ILE E 70 -3.60 10.10 34.91
C ILE E 70 -3.63 8.63 34.55
N SER E 71 -4.78 8.00 34.77
CA SER E 71 -5.10 6.71 34.20
C SER E 71 -6.18 6.88 33.14
N ARG E 72 -6.24 5.95 32.21
CA ARG E 72 -7.19 6.02 31.12
C ARG E 72 -7.67 4.62 30.79
N ASP E 73 -8.98 4.37 30.95
CA ASP E 73 -9.57 3.09 30.61
C ASP E 73 -10.39 3.26 29.33
N ASP E 74 -9.83 2.78 28.22
CA ASP E 74 -10.55 2.82 26.95
C ASP E 74 -11.77 1.90 26.92
N PRO E 75 -11.71 0.63 27.35
CA PRO E 75 -12.92 -0.20 27.27
C PRO E 75 -14.07 0.26 28.14
N LYS E 76 -13.81 1.05 29.17
CA LYS E 76 -14.89 1.59 30.00
C LYS E 76 -15.16 3.06 29.74
N ASN E 77 -14.41 3.69 28.82
CA ASN E 77 -14.56 5.10 28.46
C ASN E 77 -14.43 5.99 29.70
N THR E 78 -13.28 5.93 30.34
CA THR E 78 -13.14 6.61 31.62
C THR E 78 -11.75 7.22 31.74
N LEU E 79 -11.71 8.43 32.31
CA LEU E 79 -10.48 9.12 32.65
C LEU E 79 -10.33 9.18 34.17
N PHE E 80 -9.09 9.11 34.64
CA PHE E 80 -8.81 9.11 36.07
C PHE E 80 -7.69 10.08 36.37
N LEU E 81 -7.92 10.96 37.34
CA LEU E 81 -6.86 11.79 37.91
C LEU E 81 -6.72 11.40 39.37
N GLN E 82 -5.67 10.64 39.67
CA GLN E 82 -5.38 10.22 41.03
C GLN E 82 -4.46 11.24 41.68
N MET E 83 -4.95 11.89 42.72
CA MET E 83 -4.21 12.92 43.44
C MET E 83 -3.74 12.40 44.78
N THR E 84 -2.50 12.74 45.13
CA THR E 84 -1.92 12.40 46.42
C THR E 84 -1.29 13.64 47.03
N SER E 85 -1.41 13.76 48.36
CA SER E 85 -0.83 14.86 49.13
C SER E 85 -1.34 16.21 48.64
N LEU E 86 -2.64 16.41 48.78
CA LEU E 86 -3.25 17.67 48.38
C LEU E 86 -2.81 18.82 49.27
N ARG E 87 -2.71 20.00 48.68
CA ARG E 87 -2.42 21.23 49.38
C ARG E 87 -3.64 22.13 49.35
N SER E 88 -3.53 23.28 50.02
CA SER E 88 -4.60 24.26 49.97
C SER E 88 -4.60 25.06 48.68
N GLU E 89 -3.72 24.73 47.73
CA GLU E 89 -3.71 25.37 46.43
C GLU E 89 -4.51 24.60 45.38
N ASP E 90 -4.96 23.39 45.71
CA ASP E 90 -5.66 22.55 44.75
C ASP E 90 -7.17 22.63 44.88
N THR E 91 -7.70 23.39 45.83
CA THR E 91 -9.14 23.58 45.92
C THR E 91 -9.66 24.30 44.68
N ALA E 92 -10.41 23.58 43.85
CA ALA E 92 -10.72 24.08 42.52
C ALA E 92 -11.84 23.26 41.91
N MET E 93 -12.36 23.77 40.80
CA MET E 93 -13.29 23.02 39.96
C MET E 93 -12.53 22.45 38.79
N TYR E 94 -12.61 21.14 38.60
CA TYR E 94 -11.81 20.43 37.60
C TYR E 94 -12.66 20.08 36.39
N TYR E 95 -12.16 20.40 35.20
CA TYR E 95 -12.84 20.14 33.95
C TYR E 95 -12.07 19.09 33.15
N CYS E 96 -12.82 18.12 32.64
CA CYS E 96 -12.31 17.12 31.72
C CYS E 96 -12.50 17.66 30.30
N VAL E 97 -11.42 17.68 29.52
CA VAL E 97 -11.42 18.37 28.23
C VAL E 97 -11.02 17.40 27.14
N ARG E 98 -11.86 17.30 26.12
CA ARG E 98 -11.60 16.47 24.95
C ARG E 98 -10.79 17.25 23.92
N SER E 99 -9.85 16.58 23.24
CA SER E 99 -9.07 17.25 22.21
C SER E 99 -8.46 16.22 21.29
N ILE E 100 -8.70 16.36 19.99
CA ILE E 100 -8.14 15.46 18.98
C ILE E 100 -7.23 16.26 18.06
N TYR E 101 -6.11 15.67 17.69
CA TYR E 101 -5.06 16.38 16.95
C TYR E 101 -4.81 15.68 15.61
N TYR E 102 -5.19 16.34 14.53
CA TYR E 102 -4.72 16.00 13.20
C TYR E 102 -4.75 17.28 12.38
N TYR E 103 -4.53 17.15 11.07
CA TYR E 103 -4.53 18.33 10.22
C TYR E 103 -5.93 18.89 10.09
N GLY E 104 -6.13 20.14 10.51
CA GLY E 104 -7.43 20.74 10.45
C GLY E 104 -8.37 20.33 11.55
N SER E 105 -7.85 19.75 12.62
CA SER E 105 -8.67 19.31 13.74
C SER E 105 -9.01 20.49 14.64
N SER E 106 -9.97 20.26 15.53
CA SER E 106 -10.47 21.29 16.44
C SER E 106 -10.27 20.80 17.87
N PRO E 107 -9.07 20.94 18.42
CA PRO E 107 -8.82 20.48 19.80
C PRO E 107 -9.49 21.39 20.82
N PHE E 108 -9.60 20.86 22.04
CA PHE E 108 -10.22 21.54 23.18
C PHE E 108 -11.68 21.89 22.92
N ASP E 109 -12.36 21.13 22.07
CA ASP E 109 -13.67 21.55 21.58
C ASP E 109 -14.80 21.23 22.55
N PHE E 110 -14.60 20.33 23.51
CA PHE E 110 -15.68 19.97 24.42
C PHE E 110 -15.15 19.89 25.84
N TRP E 111 -15.88 20.49 26.77
CA TRP E 111 -15.49 20.56 28.17
C TRP E 111 -16.57 19.93 29.03
N GLY E 112 -16.17 19.02 29.91
CA GLY E 112 -17.10 18.45 30.85
C GLY E 112 -17.63 19.49 31.83
N GLN E 113 -18.62 19.06 32.62
CA GLN E 113 -19.26 19.99 33.54
C GLN E 113 -18.39 20.34 34.73
N GLY E 114 -17.38 19.53 35.02
CA GLY E 114 -16.45 19.84 36.09
C GLY E 114 -16.95 19.46 37.46
N THR E 115 -16.05 18.97 38.31
CA THR E 115 -16.38 18.59 39.67
C THR E 115 -15.60 19.44 40.66
N THR E 116 -16.22 19.76 41.78
CA THR E 116 -15.63 20.66 42.76
C THR E 116 -14.87 19.84 43.80
N LEU E 117 -13.60 20.18 44.01
CA LEU E 117 -12.76 19.54 45.01
C LEU E 117 -12.26 20.63 45.94
N THR E 118 -12.82 20.69 47.15
CA THR E 118 -12.41 21.67 48.14
C THR E 118 -11.50 21.01 49.16
N VAL E 119 -10.43 21.71 49.53
CA VAL E 119 -9.44 21.23 50.48
C VAL E 119 -9.47 22.18 51.67
N SER E 120 -9.67 21.63 52.86
CA SER E 120 -9.77 22.45 54.06
C SER E 120 -8.41 23.04 54.41
N SER E 121 -8.43 24.02 55.30
CA SER E 121 -7.21 24.69 55.72
C SER E 121 -6.64 24.04 56.97
N SER E 136 11.53 29.31 29.13
CA SER E 136 11.01 28.85 30.42
C SER E 136 9.52 28.57 30.32
N ASP E 137 8.75 29.63 30.07
CA ASP E 137 7.30 29.53 30.04
C ASP E 137 6.74 30.70 29.24
N ILE E 138 5.60 30.46 28.59
CA ILE E 138 4.94 31.46 27.77
C ILE E 138 3.84 32.09 28.61
N VAL E 139 4.10 33.25 29.17
CA VAL E 139 3.10 33.96 29.95
C VAL E 139 2.26 34.81 29.01
N MET E 140 0.95 34.74 29.15
CA MET E 140 0.01 35.41 28.27
C MET E 140 -0.82 36.39 29.08
N THR E 141 -0.81 37.66 28.66
CA THR E 141 -1.43 38.73 29.43
C THR E 141 -2.65 39.25 28.67
N GLN E 142 -3.79 39.25 29.33
CA GLN E 142 -4.95 39.96 28.84
C GLN E 142 -4.94 41.36 29.43
N ALA E 143 -5.28 42.35 28.59
CA ALA E 143 -5.09 43.74 28.95
C ALA E 143 -5.95 44.14 30.15
N THR E 144 -7.26 44.07 30.00
CA THR E 144 -8.17 44.51 31.03
C THR E 144 -8.91 43.31 31.62
N SER E 145 -9.44 43.50 32.82
CA SER E 145 -10.23 42.44 33.45
C SER E 145 -11.71 42.58 33.15
N SER E 146 -12.16 43.79 32.80
CA SER E 146 -13.58 44.01 32.56
C SER E 146 -13.76 45.20 31.64
N VAL E 147 -14.67 45.07 30.68
CA VAL E 147 -15.07 46.18 29.81
C VAL E 147 -16.59 46.18 29.69
N PRO E 148 -17.22 47.36 29.78
CA PRO E 148 -18.69 47.41 29.67
C PRO E 148 -19.13 47.34 28.23
N VAL E 149 -20.28 46.68 28.01
CA VAL E 149 -20.83 46.48 26.68
C VAL E 149 -22.33 46.76 26.71
N THR E 150 -22.88 47.05 25.53
CA THR E 150 -24.31 47.13 25.29
C THR E 150 -24.66 46.19 24.15
N PRO E 151 -25.81 45.51 24.20
CA PRO E 151 -26.17 44.57 23.14
C PRO E 151 -26.42 45.28 21.82
N GLY E 152 -25.56 45.00 20.84
CA GLY E 152 -25.68 45.54 19.50
C GLY E 152 -24.42 46.19 18.96
N GLU E 153 -23.46 46.52 19.81
CA GLU E 153 -22.25 47.19 19.38
C GLU E 153 -21.09 46.20 19.28
N SER E 154 -20.20 46.45 18.33
CA SER E 154 -19.02 45.61 18.16
C SER E 154 -18.01 45.90 19.25
N VAL E 155 -17.31 44.84 19.70
CA VAL E 155 -16.30 44.97 20.73
C VAL E 155 -15.03 44.26 20.27
N SER E 156 -13.94 44.52 21.00
CA SER E 156 -12.63 43.96 20.67
C SER E 156 -11.89 43.63 21.94
N ILE E 157 -11.39 42.39 22.02
CA ILE E 157 -10.63 41.91 23.17
C ILE E 157 -9.21 41.63 22.71
N SER E 158 -8.23 41.99 23.54
CA SER E 158 -6.82 41.83 23.19
C SER E 158 -6.16 40.78 24.07
N CYS E 159 -5.13 40.13 23.53
CA CYS E 159 -4.34 39.15 24.25
C CYS E 159 -2.92 39.23 23.73
N ARG E 160 -1.95 39.47 24.63
CA ARG E 160 -0.56 39.63 24.25
C ARG E 160 0.25 38.46 24.80
N SER E 161 0.97 37.79 23.92
CA SER E 161 1.84 36.69 24.34
C SER E 161 3.21 37.23 24.73
N SER E 162 3.99 36.36 25.36
CA SER E 162 5.38 36.68 25.67
C SER E 162 6.34 36.14 24.61
N LYS E 163 5.93 35.11 23.89
CA LYS E 163 6.73 34.52 22.83
C LYS E 163 5.91 34.55 21.55
N SER E 164 6.59 34.64 20.42
CA SER E 164 5.91 34.67 19.12
C SER E 164 5.22 33.34 18.84
N LEU E 165 3.89 33.35 18.85
CA LEU E 165 3.13 32.12 18.68
C LEU E 165 3.12 31.64 17.23
N LEU E 166 3.55 32.47 16.28
CA LEU E 166 3.61 32.07 14.89
C LEU E 166 4.70 31.02 14.72
N HIS E 167 4.28 29.78 14.50
CA HIS E 167 5.25 28.71 14.26
C HIS E 167 5.79 28.83 12.83
N SER E 168 6.83 28.05 12.56
CA SER E 168 7.48 28.11 11.25
C SER E 168 6.64 27.45 10.17
N ASN E 169 5.74 26.54 10.54
CA ASN E 169 4.92 25.87 9.53
C ASN E 169 3.70 26.69 9.11
N GLY E 170 3.57 27.92 9.59
CA GLY E 170 2.52 28.82 9.16
C GLY E 170 1.41 29.03 10.16
N ASN E 171 1.28 28.14 11.14
CA ASN E 171 0.19 28.23 12.09
C ASN E 171 0.57 29.08 13.29
N THR E 172 -0.36 29.92 13.74
CA THR E 172 -0.30 30.51 15.07
C THR E 172 -1.21 29.68 15.96
N TYR E 173 -0.78 29.47 17.20
CA TYR E 173 -1.42 28.45 18.02
C TYR E 173 -2.17 29.05 19.21
N LEU E 174 -2.92 30.11 18.99
CA LEU E 174 -3.70 30.74 20.04
C LEU E 174 -5.17 30.36 19.91
N TYR E 175 -5.79 30.07 21.05
CA TYR E 175 -7.16 29.60 21.14
C TYR E 175 -7.95 30.57 22.01
N TRP E 176 -9.15 30.93 21.57
CA TRP E 176 -10.05 31.77 22.34
C TRP E 176 -11.21 30.93 22.84
N PHE E 177 -11.41 30.94 24.16
CA PHE E 177 -12.53 30.28 24.83
C PHE E 177 -13.43 31.32 25.48
N LEU E 178 -14.69 30.96 25.65
CA LEU E 178 -15.67 31.77 26.38
C LEU E 178 -16.34 30.93 27.45
N GLN E 179 -16.38 31.46 28.67
CA GLN E 179 -17.07 30.81 29.78
C GLN E 179 -18.25 31.67 30.17
N ARG E 180 -19.45 31.15 29.99
CA ARG E 180 -20.66 31.80 30.45
C ARG E 180 -20.80 31.63 31.95
N PRO E 181 -21.55 32.51 32.62
CA PRO E 181 -21.69 32.40 34.08
C PRO E 181 -22.36 31.11 34.50
N GLY E 182 -21.62 30.29 35.25
CA GLY E 182 -22.15 29.05 35.76
C GLY E 182 -22.11 27.90 34.80
N GLN E 183 -21.24 27.94 33.79
CA GLN E 183 -21.15 26.87 32.80
C GLN E 183 -19.68 26.59 32.51
N SER E 184 -19.46 25.51 31.79
CA SER E 184 -18.11 25.16 31.36
C SER E 184 -17.74 25.97 30.12
N PRO E 185 -16.49 26.39 30.02
CA PRO E 185 -16.09 27.24 28.87
C PRO E 185 -16.07 26.44 27.58
N GLN E 186 -16.70 26.98 26.55
CA GLN E 186 -16.71 26.34 25.24
C GLN E 186 -15.64 26.97 24.35
N LEU E 187 -15.24 26.22 23.34
CA LEU E 187 -14.27 26.72 22.37
C LEU E 187 -14.95 27.71 21.43
N LEU E 188 -14.25 28.80 21.13
CA LEU E 188 -14.72 29.76 20.15
C LEU E 188 -13.82 29.84 18.93
N ILE E 189 -12.53 30.03 19.10
CA ILE E 189 -11.63 30.17 17.95
C ILE E 189 -10.40 29.32 18.19
N TYR E 190 -10.02 28.52 17.22
CA TYR E 190 -8.81 27.72 17.30
C TYR E 190 -7.85 28.16 16.21
N ARG E 191 -6.58 28.34 16.59
CA ARG E 191 -5.50 28.81 15.71
C ARG E 191 -5.82 30.17 15.11
N MET E 192 -6.42 31.05 15.91
CA MET E 192 -6.45 32.50 15.73
C MET E 192 -7.36 32.96 14.58
N SER E 193 -7.85 32.04 13.76
CA SER E 193 -8.68 32.46 12.64
C SER E 193 -9.94 31.61 12.52
N ASN E 194 -9.81 30.33 12.84
CA ASN E 194 -10.83 29.35 12.50
C ASN E 194 -11.92 29.35 13.56
N LEU E 195 -13.17 29.47 13.13
CA LEU E 195 -14.29 29.33 14.04
C LEU E 195 -14.53 27.86 14.36
N ALA E 196 -15.04 27.60 15.55
CA ALA E 196 -15.42 26.24 15.91
C ALA E 196 -16.82 25.95 15.40
N SER E 197 -17.08 24.67 15.14
CA SER E 197 -18.37 24.25 14.61
C SER E 197 -19.46 24.48 15.64
N GLY E 198 -20.47 25.26 15.26
CA GLY E 198 -21.55 25.62 16.15
C GLY E 198 -21.44 27.02 16.71
N VAL E 199 -20.37 27.74 16.38
CA VAL E 199 -20.19 29.11 16.86
C VAL E 199 -20.71 30.07 15.80
N PRO E 200 -21.60 30.99 16.16
CA PRO E 200 -22.13 31.94 15.16
C PRO E 200 -21.04 32.88 14.68
N ASP E 201 -21.18 33.30 13.41
CA ASP E 201 -20.13 34.07 12.77
C ASP E 201 -20.22 35.55 13.14
N ARG E 202 -20.27 35.84 14.45
CA ARG E 202 -20.07 37.18 14.96
C ARG E 202 -18.66 37.37 15.49
N PHE E 203 -18.07 36.31 16.00
CA PHE E 203 -16.69 36.36 16.48
C PHE E 203 -15.72 36.17 15.33
N SER E 204 -14.66 36.97 15.33
CA SER E 204 -13.58 36.83 14.38
C SER E 204 -12.26 37.02 15.11
N GLY E 205 -11.23 36.34 14.64
CA GLY E 205 -9.92 36.41 15.26
C GLY E 205 -8.90 36.95 14.29
N SER E 206 -7.97 37.74 14.80
CA SER E 206 -6.91 38.28 13.97
C SER E 206 -5.70 38.57 14.85
N GLY E 207 -4.63 39.00 14.22
CA GLY E 207 -3.42 39.35 14.91
C GLY E 207 -2.25 38.60 14.35
N SER E 208 -1.08 38.85 14.95
CA SER E 208 0.15 38.22 14.48
C SER E 208 1.18 38.30 15.58
N GLY E 209 2.18 37.42 15.50
CA GLY E 209 3.30 37.43 16.41
C GLY E 209 2.91 37.25 17.86
N THR E 210 2.98 38.33 18.63
CA THR E 210 2.64 38.31 20.05
C THR E 210 1.46 39.22 20.36
N ALA E 211 0.64 39.58 19.37
CA ALA E 211 -0.50 40.44 19.61
C ALA E 211 -1.71 39.88 18.87
N PHE E 212 -2.78 39.59 19.61
CA PHE E 212 -3.95 38.94 19.06
C PHE E 212 -5.21 39.66 19.51
N THR E 213 -6.22 39.66 18.64
CA THR E 213 -7.47 40.35 18.89
C THR E 213 -8.64 39.47 18.51
N LEU E 214 -9.65 39.44 19.36
CA LEU E 214 -10.94 38.83 19.07
C LEU E 214 -11.97 39.95 18.92
N THR E 215 -12.49 40.12 17.73
CA THR E 215 -13.47 41.15 17.44
C THR E 215 -14.86 40.50 17.34
N ILE E 216 -15.79 40.99 18.15
CA ILE E 216 -17.15 40.49 18.15
C ILE E 216 -18.04 41.53 17.49
N SER E 217 -18.96 41.05 16.67
CA SER E 217 -20.02 41.88 16.08
C SER E 217 -21.10 42.10 17.14
N ARG E 218 -22.28 42.52 16.70
CA ARG E 218 -23.44 42.79 17.55
C ARG E 218 -23.63 41.75 18.65
N LEU E 219 -23.57 42.19 19.89
CA LEU E 219 -23.64 41.27 21.01
C LEU E 219 -25.09 40.89 21.33
N GLU E 220 -25.22 39.82 22.10
CA GLU E 220 -26.49 39.34 22.61
C GLU E 220 -26.38 39.19 24.12
N ALA E 221 -27.45 38.69 24.74
CA ALA E 221 -27.41 38.38 26.16
C ALA E 221 -26.66 37.08 26.44
N GLU E 222 -26.33 36.31 25.40
CA GLU E 222 -25.61 35.07 25.54
C GLU E 222 -24.13 35.20 25.24
N ASP E 223 -23.67 36.38 24.86
CA ASP E 223 -22.26 36.62 24.63
C ASP E 223 -21.53 37.13 25.87
N VAL E 224 -22.27 37.44 26.94
CA VAL E 224 -21.65 37.91 28.17
C VAL E 224 -20.97 36.73 28.88
N GLY E 225 -19.77 36.98 29.37
CA GLY E 225 -19.01 35.92 30.03
C GLY E 225 -17.58 36.35 30.27
N VAL E 226 -16.69 35.37 30.33
CA VAL E 226 -15.26 35.61 30.51
C VAL E 226 -14.53 34.96 29.35
N TYR E 227 -13.64 35.73 28.71
CA TYR E 227 -12.94 35.26 27.51
C TYR E 227 -11.48 34.98 27.86
N TYR E 228 -11.04 33.76 27.57
CA TYR E 228 -9.68 33.33 27.86
C TYR E 228 -8.93 33.08 26.56
N CYS E 229 -7.65 33.37 26.55
CA CYS E 229 -6.76 33.01 25.45
C CYS E 229 -5.74 31.99 25.94
N MET E 230 -5.34 31.10 25.04
CA MET E 230 -4.37 30.05 25.37
C MET E 230 -3.39 29.81 24.23
N GLN E 231 -2.21 29.30 24.56
CA GLN E 231 -1.17 29.00 23.57
C GLN E 231 -0.87 27.50 23.56
N HIS E 232 -0.79 26.92 22.38
CA HIS E 232 -0.55 25.48 22.25
C HIS E 232 0.82 25.10 21.69
N LEU E 233 1.76 26.04 21.65
CA LEU E 233 3.10 25.75 21.15
C LEU E 233 3.74 24.60 21.91
N GLU E 234 3.88 24.77 23.21
CA GLU E 234 4.62 23.83 24.05
C GLU E 234 3.95 23.71 25.40
N TYR E 235 4.04 22.52 25.97
CA TYR E 235 3.49 22.27 27.29
C TYR E 235 4.43 22.82 28.35
N PRO E 236 3.93 23.47 29.41
CA PRO E 236 2.53 23.64 29.80
C PRO E 236 1.76 24.72 29.05
N LEU E 237 0.54 24.37 28.63
CA LEU E 237 -0.36 25.32 27.98
C LEU E 237 -0.84 26.35 28.99
N THR E 238 -0.53 27.62 28.73
CA THR E 238 -0.71 28.69 29.69
C THR E 238 -1.91 29.56 29.29
N PHE E 239 -2.97 29.51 30.07
CA PHE E 239 -4.15 30.34 29.82
C PHE E 239 -3.85 31.79 30.20
N GLY E 240 -4.87 32.63 30.06
CA GLY E 240 -4.78 34.03 30.39
C GLY E 240 -5.55 34.39 31.65
N ALA E 241 -5.62 35.68 31.93
CA ALA E 241 -6.32 36.18 33.09
C ALA E 241 -7.83 35.97 32.96
N GLY E 242 -8.38 36.39 31.84
CA GLY E 242 -9.80 36.25 31.59
C GLY E 242 -10.54 37.57 31.59
N THR E 243 -10.75 38.12 30.39
CA THR E 243 -11.45 39.39 30.25
C THR E 243 -12.94 39.15 30.43
N LYS E 244 -13.56 39.89 31.33
CA LYS E 244 -14.97 39.71 31.66
C LYS E 244 -15.78 40.80 30.98
N LEU E 245 -17.01 40.46 30.60
CA LEU E 245 -17.95 41.42 30.07
C LEU E 245 -19.12 41.59 31.04
N GLU E 246 -19.68 42.80 31.06
CA GLU E 246 -20.83 43.09 31.90
C GLU E 246 -21.87 43.83 31.08
N LEU E 247 -23.14 43.55 31.35
CA LEU E 247 -24.22 44.15 30.59
C LEU E 247 -24.51 45.58 31.07
C10 KJX F . 38.19 -16.08 13.70
C13 KJX F . 43.52 -19.25 12.72
C14 KJX F . 39.23 -18.69 13.59
C15 KJX F . 44.59 -17.38 11.51
C16 KJX F . 42.93 -16.64 13.86
C17 KJX F . 37.42 -16.96 14.13
C18 KJX F . 37.42 -14.97 12.74
C11 KJX F . 41.94 -19.44 13.53
C12 KJX F . 40.62 -15.57 12.61
C04 KJX F . 42.18 -17.00 12.54
C05 KJX F . 41.01 -18.15 12.90
C06 KJX F . 40.07 -17.77 13.38
C07 KJX F . 39.54 -16.74 12.80
C08 KJX F . 43.35 -17.94 11.71
C09 KJX F . 41.72 -15.98 12.13
C19 KJX F . 37.93 -18.15 14.53
C20 KJX F . 38.79 -15.31 14.91
C21 KJX F . 36.07 -16.33 14.75
C22 KJX F . 36.16 -14.44 13.33
C23 KJX F . 45.65 -18.53 11.09
C24 KJX F . 35.37 -15.37 13.74
C25 KJX F . 44.65 -16.33 10.34
C26 KJX F . 45.28 -19.08 9.64
C27 KJX F . 46.52 -19.07 8.69
C28 KJX F . 46.02 -19.29 7.22
C29 KJX F . 45.35 -20.67 7.11
C30 KJX F . 47.23 -19.22 6.23
O01 KJX F . 38.71 -19.16 12.28
O02 KJX F . 34.16 -14.72 14.42
O03 KJX F . 45.08 -18.29 6.88
#